data_2B67
#
_entry.id   2B67
#
_cell.length_a   55.400
_cell.length_b   80.278
_cell.length_c   103.015
_cell.angle_alpha   90.00
_cell.angle_beta   100.61
_cell.angle_gamma   90.00
#
_symmetry.space_group_name_H-M   'P 1 21 1'
#
loop_
_entity.id
_entity.type
_entity.pdbx_description
1 polymer 'COG0778: Nitroreductase'
2 non-polymer 'FLAVIN MONONUCLEOTIDE'
3 non-polymer 'ACETIC ACID'
4 water water
#
_entity_poly.entity_id   1
_entity_poly.type   'polypeptide(L)'
_entity_poly.pdbx_seq_one_letter_code
;SNA(MSE)KFLELNKKRHATKHFTDKLVDPKDVRTAIEIATLAPSAHNSQPWKFVVVREKNAELAKLAYGSNFEQVSSAP
VTIALFTDTDLAKRARKIARVGGANNFSEEQLQYF(MSE)KNLPAEFARYSEQQVSDYLALNAGLVA(MSE)NLVLALTD
QGIGSNIILGFDKSKVNEVLEIEDRFRPELLITVGYTDEKLEPSYRLPVDEIIEKR
;
_entity_poly.pdbx_strand_id   A,B,C,D
#
loop_
_chem_comp.id
_chem_comp.type
_chem_comp.name
_chem_comp.formula
ACY non-polymer 'ACETIC ACID' 'C2 H4 O2'
FMN non-polymer 'FLAVIN MONONUCLEOTIDE' 'C17 H21 N4 O9 P'
#
# COMPACT_ATOMS: atom_id res chain seq x y z
N MSE A 4 1.86 25.36 -32.37
CA MSE A 4 2.81 24.91 -33.42
C MSE A 4 3.80 23.83 -32.90
O MSE A 4 3.48 22.65 -32.95
CB MSE A 4 3.53 26.10 -34.08
CG MSE A 4 4.10 27.16 -33.12
SE MSE A 4 3.54 28.98 -33.57
CE MSE A 4 5.09 29.98 -32.86
N LYS A 5 4.97 24.26 -32.42
CA LYS A 5 6.04 23.32 -32.04
C LYS A 5 5.92 22.84 -30.59
N PHE A 6 5.32 23.68 -29.74
CA PHE A 6 5.06 23.26 -28.36
C PHE A 6 3.93 22.22 -28.30
N LEU A 7 2.92 22.38 -29.15
CA LEU A 7 1.88 21.39 -29.31
C LEU A 7 2.49 20.03 -29.68
N GLU A 8 3.48 20.05 -30.57
CA GLU A 8 4.17 18.83 -31.02
C GLU A 8 4.93 18.15 -29.86
N LEU A 9 5.60 18.94 -29.01
CA LEU A 9 6.23 18.41 -27.79
C LEU A 9 5.20 17.68 -26.92
N ASN A 10 4.08 18.36 -26.67
CA ASN A 10 3.04 17.84 -25.80
C ASN A 10 2.42 16.55 -26.31
N LYS A 11 2.25 16.46 -27.62
CA LYS A 11 1.65 15.27 -28.21
C LYS A 11 2.58 14.07 -28.13
N LYS A 12 3.87 14.32 -27.95
CA LYS A 12 4.73 13.17 -27.70
C LYS A 12 5.05 12.82 -26.25
N ARG A 13 4.58 13.60 -25.28
CA ARG A 13 4.71 13.22 -23.88
C ARG A 13 3.61 12.19 -23.56
N HIS A 14 3.99 11.03 -23.04
CA HIS A 14 3.02 10.04 -22.62
C HIS A 14 3.40 9.54 -21.22
N ALA A 15 2.43 8.99 -20.50
CA ALA A 15 2.71 8.32 -19.25
C ALA A 15 3.36 6.99 -19.59
N THR A 16 4.68 6.91 -19.41
CA THR A 16 5.44 5.71 -19.78
C THR A 16 5.52 4.72 -18.62
N LYS A 17 5.08 3.49 -18.87
CA LYS A 17 5.03 2.47 -17.86
C LYS A 17 5.97 1.28 -18.13
N HIS A 18 6.43 1.12 -19.37
CA HIS A 18 7.33 0.02 -19.68
C HIS A 18 8.48 0.58 -20.46
N PHE A 19 9.69 0.24 -20.02
CA PHE A 19 10.92 0.84 -20.51
C PHE A 19 11.80 -0.23 -21.19
N THR A 20 12.56 0.19 -22.18
CA THR A 20 13.58 -0.64 -22.80
C THR A 20 14.78 -0.67 -21.86
N ASP A 21 15.80 -1.41 -22.26
CA ASP A 21 17.05 -1.50 -21.50
C ASP A 21 18.10 -0.46 -21.91
N LYS A 22 17.74 0.45 -22.82
CA LYS A 22 18.66 1.53 -23.20
C LYS A 22 19.03 2.38 -21.98
N LEU A 23 20.33 2.67 -21.89
CA LEU A 23 20.90 3.36 -20.78
C LEU A 23 20.49 4.85 -20.83
N VAL A 24 20.26 5.47 -19.68
CA VAL A 24 19.93 6.88 -19.64
C VAL A 24 21.17 7.63 -19.17
N ASP A 25 21.71 8.47 -20.05
CA ASP A 25 22.97 9.21 -19.84
C ASP A 25 22.75 10.26 -18.74
N PRO A 26 23.52 10.19 -17.62
CA PRO A 26 23.44 11.23 -16.58
C PRO A 26 23.66 12.66 -17.07
N LYS A 27 24.37 12.85 -18.17
CA LYS A 27 24.46 14.21 -18.78
C LYS A 27 23.08 14.71 -19.25
N ASP A 28 22.27 13.83 -19.86
CA ASP A 28 20.90 14.19 -20.24
C ASP A 28 19.99 14.48 -19.06
N VAL A 29 20.09 13.69 -17.98
CA VAL A 29 19.28 13.92 -16.80
C VAL A 29 19.60 15.28 -16.18
N ARG A 30 20.88 15.57 -16.04
CA ARG A 30 21.34 16.85 -15.51
C ARG A 30 20.88 18.02 -16.37
N THR A 31 20.93 17.84 -17.69
CA THR A 31 20.44 18.90 -18.57
C THR A 31 18.93 19.14 -18.39
N ALA A 32 18.15 18.04 -18.39
CA ALA A 32 16.70 18.15 -18.28
C ALA A 32 16.33 18.88 -16.99
N ILE A 33 17.08 18.61 -15.93
CA ILE A 33 16.81 19.21 -14.64
C ILE A 33 17.21 20.67 -14.66
N GLU A 34 18.31 20.99 -15.35
CA GLU A 34 18.70 22.38 -15.50
C GLU A 34 17.70 23.19 -16.32
N ILE A 35 17.14 22.60 -17.37
CA ILE A 35 16.04 23.29 -18.08
C ILE A 35 14.77 23.43 -17.20
N ALA A 36 14.41 22.35 -16.50
CA ALA A 36 13.19 22.30 -15.71
C ALA A 36 13.16 23.40 -14.64
N THR A 37 14.27 23.62 -13.95
CA THR A 37 14.35 24.68 -12.89
C THR A 37 14.30 26.14 -13.40
N LEU A 38 14.35 26.34 -14.71
CA LEU A 38 14.00 27.65 -15.29
C LEU A 38 12.54 27.99 -15.02
N ALA A 39 11.75 26.98 -14.63
CA ALA A 39 10.35 27.17 -14.18
C ALA A 39 10.17 28.32 -13.21
N PRO A 40 9.03 29.05 -13.31
CA PRO A 40 8.72 30.05 -12.29
C PRO A 40 8.32 29.32 -11.00
N SER A 41 8.43 30.01 -9.87
CA SER A 41 7.94 29.51 -8.57
C SER A 41 7.45 30.75 -7.82
N ALA A 42 6.49 30.57 -6.91
CA ALA A 42 6.04 31.69 -6.05
C ALA A 42 7.25 32.35 -5.40
N HIS A 43 7.36 33.68 -5.49
CA HIS A 43 8.47 34.42 -4.83
C HIS A 43 9.84 34.14 -5.41
N ASN A 44 9.88 33.38 -6.51
CA ASN A 44 11.11 32.78 -7.01
C ASN A 44 11.78 31.99 -5.90
N SER A 45 10.97 31.36 -5.03
CA SER A 45 11.49 30.56 -3.92
C SER A 45 12.11 29.23 -4.34
N GLN A 46 11.79 28.72 -5.54
CA GLN A 46 12.40 27.49 -6.09
C GLN A 46 12.65 26.42 -5.01
N PRO A 47 11.57 25.97 -4.35
CA PRO A 47 11.73 25.23 -3.11
C PRO A 47 11.88 23.73 -3.34
N TRP A 48 12.78 23.34 -4.24
CA TRP A 48 12.79 21.97 -4.78
C TRP A 48 14.16 21.32 -4.70
N LYS A 49 14.13 20.00 -4.63
CA LYS A 49 15.34 19.19 -4.56
C LYS A 49 15.11 17.93 -5.37
N PHE A 50 16.00 17.67 -6.31
CA PHE A 50 15.90 16.52 -7.23
C PHE A 50 16.86 15.42 -6.80
N VAL A 51 16.29 14.29 -6.42
CA VAL A 51 17.12 13.16 -6.01
C VAL A 51 17.14 12.14 -7.16
N VAL A 52 18.27 12.09 -7.88
CA VAL A 52 18.44 11.18 -9.00
C VAL A 52 18.86 9.78 -8.54
N VAL A 53 17.95 8.84 -8.65
CA VAL A 53 18.18 7.51 -8.08
C VAL A 53 18.64 6.55 -9.17
N ARG A 54 19.89 6.10 -9.02
CA ARG A 54 20.51 5.14 -9.93
C ARG A 54 21.00 3.92 -9.16
N GLU A 55 21.23 4.09 -7.87
CA GLU A 55 21.72 3.01 -7.03
C GLU A 55 20.65 2.38 -6.14
N LYS A 56 19.77 3.19 -5.56
CA LYS A 56 18.76 2.73 -4.57
C LYS A 56 17.38 2.37 -5.17
N ASN A 57 17.35 2.09 -6.47
CA ASN A 57 16.09 1.84 -7.17
C ASN A 57 15.27 0.70 -6.62
N ALA A 58 15.92 -0.42 -6.28
CA ALA A 58 15.20 -1.60 -5.80
C ALA A 58 14.55 -1.34 -4.45
N GLU A 59 15.31 -0.69 -3.56
N GLU A 59 15.26 -0.63 -3.58
CA GLU A 59 14.85 -0.23 -2.24
CA GLU A 59 14.77 -0.31 -2.24
C GLU A 59 13.65 0.69 -2.41
C GLU A 59 13.72 0.81 -2.26
N LEU A 60 13.83 1.74 -3.20
CA LEU A 60 12.77 2.73 -3.44
C LEU A 60 11.50 2.08 -3.94
N ALA A 61 11.64 1.13 -4.87
CA ALA A 61 10.50 0.47 -5.47
C ALA A 61 9.61 -0.24 -4.46
N LYS A 62 10.19 -0.71 -3.36
CA LYS A 62 9.42 -1.36 -2.26
C LYS A 62 8.44 -0.43 -1.61
N LEU A 63 8.61 0.89 -1.84
CA LEU A 63 7.70 1.93 -1.31
C LEU A 63 6.54 2.29 -2.25
N ALA A 64 6.58 1.74 -3.45
CA ALA A 64 5.60 2.09 -4.48
C ALA A 64 4.40 1.14 -4.43
N TYR A 65 3.19 1.64 -4.64
CA TYR A 65 1.98 0.81 -4.57
C TYR A 65 1.64 0.13 -5.91
N GLY A 66 1.00 -1.04 -5.84
CA GLY A 66 0.45 -1.68 -7.04
C GLY A 66 1.49 -1.81 -8.15
N SER A 67 1.09 -1.50 -9.37
CA SER A 67 1.96 -1.62 -10.54
C SER A 67 3.10 -0.58 -10.57
N ASN A 68 3.08 0.36 -9.61
CA ASN A 68 4.19 1.32 -9.45
C ASN A 68 5.43 0.58 -9.01
N PHE A 69 5.25 -0.54 -8.29
CA PHE A 69 6.39 -1.36 -7.91
C PHE A 69 7.22 -1.77 -9.14
N GLU A 70 6.55 -2.28 -10.17
CA GLU A 70 7.28 -2.70 -11.36
C GLU A 70 7.89 -1.51 -12.12
N GLN A 71 7.18 -0.38 -12.14
CA GLN A 71 7.68 0.82 -12.85
C GLN A 71 8.97 1.32 -12.23
N VAL A 72 8.99 1.49 -10.92
CA VAL A 72 10.18 1.96 -10.25
C VAL A 72 11.33 0.93 -10.31
N SER A 73 11.00 -0.36 -10.23
CA SER A 73 12.06 -1.41 -10.30
C SER A 73 12.74 -1.45 -11.64
N SER A 74 11.96 -1.30 -12.71
N SER A 74 11.95 -1.27 -12.71
CA SER A 74 12.52 -1.41 -14.06
CA SER A 74 12.42 -1.42 -14.12
C SER A 74 13.17 -0.14 -14.57
C SER A 74 12.91 -0.15 -14.83
N ALA A 75 12.55 1.02 -14.31
CA ALA A 75 13.06 2.28 -14.87
C ALA A 75 14.54 2.45 -14.56
N PRO A 76 15.36 2.78 -15.60
CA PRO A 76 16.80 2.91 -15.35
C PRO A 76 17.06 4.00 -14.29
N VAL A 77 16.18 4.99 -14.25
CA VAL A 77 16.33 6.13 -13.36
C VAL A 77 14.97 6.48 -12.78
N THR A 78 14.97 6.87 -11.51
CA THR A 78 13.81 7.49 -10.87
C THR A 78 14.29 8.76 -10.18
N ILE A 79 13.55 9.84 -10.38
CA ILE A 79 13.90 11.12 -9.80
C ILE A 79 12.87 11.32 -8.74
N ALA A 80 13.31 11.32 -7.49
CA ALA A 80 12.43 11.70 -6.40
C ALA A 80 12.43 13.21 -6.25
N LEU A 81 11.28 13.86 -6.48
CA LEU A 81 11.17 15.31 -6.33
C LEU A 81 10.74 15.62 -4.92
N PHE A 82 11.59 16.37 -4.20
CA PHE A 82 11.31 16.81 -2.82
C PHE A 82 11.05 18.33 -2.82
N THR A 83 10.34 18.80 -1.81
CA THR A 83 10.21 20.23 -1.62
C THR A 83 10.68 20.56 -0.20
N ASP A 84 11.13 21.81 -0.05
CA ASP A 84 11.69 22.33 1.18
C ASP A 84 10.61 22.79 2.13
N THR A 85 10.40 22.05 3.21
CA THR A 85 9.38 22.43 4.15
C THR A 85 9.80 23.59 5.04
N ASP A 86 11.09 23.95 5.05
CA ASP A 86 11.58 25.11 5.79
C ASP A 86 11.72 26.28 4.82
N LEU A 87 10.62 26.96 4.62
CA LEU A 87 10.52 27.99 3.62
C LEU A 87 11.37 29.22 3.98
N ALA A 88 11.51 29.49 5.29
CA ALA A 88 12.44 30.54 5.77
C ALA A 88 13.87 30.19 5.39
N LYS A 89 14.31 28.98 5.71
CA LYS A 89 15.63 28.53 5.26
C LYS A 89 15.81 28.52 3.73
N ARG A 90 14.74 28.24 2.98
CA ARG A 90 14.78 28.24 1.51
C ARG A 90 15.02 29.65 0.97
N ALA A 91 14.30 30.65 1.52
CA ALA A 91 14.54 32.04 1.13
C ALA A 91 15.97 32.45 1.43
N ARG A 92 16.46 32.05 2.60
N ARG A 92 16.46 32.05 2.60
CA ARG A 92 17.78 32.47 3.05
CA ARG A 92 17.78 32.47 3.05
C ARG A 92 18.85 31.82 2.18
C ARG A 92 18.85 31.82 2.18
N LYS A 93 18.62 30.55 1.82
CA LYS A 93 19.47 29.82 0.87
C LYS A 93 19.63 30.55 -0.46
N ILE A 94 18.53 31.05 -1.02
CA ILE A 94 18.61 31.78 -2.28
C ILE A 94 19.52 33.02 -2.09
N ALA A 95 19.30 33.78 -1.02
CA ALA A 95 20.16 34.94 -0.72
C ALA A 95 21.63 34.53 -0.54
N ARG A 96 21.85 33.46 0.19
CA ARG A 96 23.21 33.03 0.51
C ARG A 96 23.97 32.56 -0.74
N VAL A 97 23.32 31.72 -1.56
CA VAL A 97 23.95 31.16 -2.74
C VAL A 97 24.05 32.22 -3.86
N GLY A 98 22.99 33.00 -4.08
CA GLY A 98 23.00 33.98 -5.16
C GLY A 98 23.91 35.17 -4.81
N GLY A 99 23.78 35.66 -3.57
CA GLY A 99 24.61 36.75 -3.08
C GLY A 99 24.49 38.07 -3.83
N ALA A 100 25.47 38.93 -3.58
CA ALA A 100 25.52 40.26 -4.15
C ALA A 100 25.79 40.23 -5.65
N ASN A 101 26.30 39.11 -6.18
CA ASN A 101 26.49 38.96 -7.63
C ASN A 101 25.18 38.82 -8.43
N ASN A 102 24.10 38.44 -7.75
CA ASN A 102 22.83 38.27 -8.38
C ASN A 102 21.78 39.25 -7.88
N PHE A 103 22.00 39.78 -6.68
CA PHE A 103 20.97 40.55 -6.00
C PHE A 103 21.47 41.88 -5.51
N SER A 104 20.60 42.87 -5.57
CA SER A 104 20.82 44.14 -4.91
C SER A 104 20.68 43.96 -3.40
N GLU A 105 21.01 45.01 -2.63
CA GLU A 105 20.93 44.95 -1.17
C GLU A 105 19.49 44.78 -0.73
N GLU A 106 18.57 45.43 -1.44
CA GLU A 106 17.13 45.34 -1.15
C GLU A 106 16.63 43.90 -1.31
N GLN A 107 17.01 43.28 -2.44
CA GLN A 107 16.65 41.89 -2.73
C GLN A 107 17.22 40.92 -1.69
N LEU A 108 18.47 41.13 -1.29
CA LEU A 108 19.07 40.28 -0.27
C LEU A 108 18.32 40.33 1.09
N GLN A 109 17.90 41.53 1.49
CA GLN A 109 17.13 41.74 2.74
C GLN A 109 15.77 41.07 2.65
N TYR A 110 15.22 41.13 1.45
CA TYR A 110 13.93 40.54 1.20
C TYR A 110 14.00 39.03 1.40
N PHE A 111 14.95 38.36 0.76
CA PHE A 111 15.11 36.91 0.95
C PHE A 111 15.62 36.53 2.35
N MSE A 112 16.50 37.35 2.92
CA MSE A 112 17.06 37.09 4.25
C MSE A 112 16.06 37.31 5.40
O MSE A 112 16.05 36.54 6.35
CB MSE A 112 18.32 37.94 4.52
CG MSE A 112 19.58 37.45 3.81
SE MSE A 112 20.03 35.56 4.17
CE MSE A 112 20.51 35.67 5.97
N LYS A 113 15.22 38.35 5.30
CA LYS A 113 14.34 38.76 6.40
C LYS A 113 12.85 38.95 6.05
N ASN A 114 12.55 39.67 4.99
CA ASN A 114 11.14 39.93 4.70
C ASN A 114 10.37 38.67 4.34
N LEU A 115 10.87 37.97 3.33
CA LEU A 115 10.18 36.80 2.84
C LEU A 115 9.95 35.80 3.99
N PRO A 116 11.01 35.38 4.71
CA PRO A 116 10.80 34.45 5.83
C PRO A 116 9.75 34.90 6.83
N ALA A 117 9.63 36.23 7.02
CA ALA A 117 8.65 36.77 7.98
C ALA A 117 7.24 36.53 7.45
N GLU A 118 7.08 36.67 6.13
CA GLU A 118 5.85 36.30 5.43
C GLU A 118 5.48 34.83 5.58
N PHE A 119 6.47 33.95 5.38
CA PHE A 119 6.27 32.51 5.45
C PHE A 119 5.86 32.07 6.85
N ALA A 120 6.43 32.73 7.86
CA ALA A 120 6.09 32.44 9.25
C ALA A 120 4.61 32.58 9.55
N ARG A 121 3.90 33.43 8.81
N ARG A 121 3.92 33.41 8.78
CA ARG A 121 2.45 33.64 9.00
CA ARG A 121 2.48 33.67 8.95
C ARG A 121 1.53 32.73 8.16
C ARG A 121 1.57 32.62 8.30
N TYR A 122 2.12 31.81 7.38
CA TYR A 122 1.33 30.81 6.64
C TYR A 122 0.72 29.75 7.57
N SER A 123 -0.56 29.49 7.40
CA SER A 123 -1.17 28.30 7.99
C SER A 123 -0.46 27.02 7.50
N GLU A 124 -0.71 25.91 8.18
CA GLU A 124 -0.17 24.63 7.73
C GLU A 124 -0.67 24.18 6.35
N GLN A 125 -1.94 24.51 6.03
CA GLN A 125 -2.50 24.20 4.73
C GLN A 125 -1.87 25.10 3.68
N GLN A 126 -1.64 26.37 4.01
CA GLN A 126 -1.03 27.31 3.08
C GLN A 126 0.36 26.86 2.67
N VAL A 127 1.19 26.53 3.66
CA VAL A 127 2.51 25.93 3.41
C VAL A 127 2.45 24.66 2.55
N SER A 128 1.60 23.72 2.94
CA SER A 128 1.51 22.44 2.27
C SER A 128 1.06 22.58 0.78
N ASP A 129 0.08 23.45 0.54
CA ASP A 129 -0.41 23.81 -0.80
C ASP A 129 0.64 24.50 -1.65
N TYR A 130 1.41 25.38 -1.00
CA TYR A 130 2.47 26.16 -1.66
C TYR A 130 3.54 25.21 -2.21
N LEU A 131 3.96 24.28 -1.37
CA LEU A 131 4.99 23.32 -1.78
C LEU A 131 4.46 22.41 -2.89
N ALA A 132 3.21 21.95 -2.75
CA ALA A 132 2.62 21.04 -3.72
C ALA A 132 2.48 21.74 -5.08
N LEU A 133 2.04 22.99 -5.05
CA LEU A 133 1.88 23.73 -6.28
C LEU A 133 3.19 23.93 -7.00
N ASN A 134 4.20 24.41 -6.28
CA ASN A 134 5.52 24.65 -6.87
C ASN A 134 6.16 23.35 -7.40
N ALA A 135 5.90 22.23 -6.73
CA ALA A 135 6.34 20.92 -7.22
C ALA A 135 5.67 20.58 -8.56
N GLY A 136 4.37 20.87 -8.69
CA GLY A 136 3.64 20.69 -9.94
C GLY A 136 4.24 21.50 -11.09
N LEU A 137 4.49 22.79 -10.84
CA LEU A 137 5.14 23.62 -11.85
C LEU A 137 6.42 23.00 -12.41
N VAL A 138 7.37 22.65 -11.53
CA VAL A 138 8.64 22.15 -11.99
C VAL A 138 8.51 20.71 -12.54
N ALA A 139 7.63 19.89 -11.95
CA ALA A 139 7.51 18.53 -12.42
C ALA A 139 7.11 18.51 -13.90
N MSE A 140 6.14 19.34 -14.27
CA MSE A 140 5.72 19.54 -15.68
C MSE A 140 6.88 19.95 -16.63
O MSE A 140 7.04 19.37 -17.71
CB MSE A 140 4.63 20.61 -15.75
CG MSE A 140 4.10 20.87 -17.18
SE MSE A 140 2.81 19.47 -17.65
CE MSE A 140 3.89 18.25 -18.71
N ASN A 141 7.68 20.91 -16.19
CA ASN A 141 8.78 21.43 -17.00
C ASN A 141 9.81 20.30 -17.20
N LEU A 142 10.02 19.51 -16.15
CA LEU A 142 10.97 18.37 -16.17
C LEU A 142 10.56 17.27 -17.15
N VAL A 143 9.29 16.84 -17.11
CA VAL A 143 8.87 15.81 -18.04
C VAL A 143 8.91 16.26 -19.51
N LEU A 144 8.60 17.55 -19.72
CA LEU A 144 8.69 18.13 -21.06
C LEU A 144 10.14 18.21 -21.54
N ALA A 145 11.03 18.62 -20.63
CA ALA A 145 12.46 18.65 -20.97
C ALA A 145 13.00 17.25 -21.33
N LEU A 146 12.58 16.23 -20.59
CA LEU A 146 12.95 14.83 -20.89
C LEU A 146 12.41 14.40 -22.25
N THR A 147 11.14 14.71 -22.48
CA THR A 147 10.44 14.43 -23.72
C THR A 147 11.18 15.07 -24.88
N ASP A 148 11.51 16.35 -24.74
CA ASP A 148 12.33 17.04 -25.75
C ASP A 148 13.64 16.36 -26.11
N GLN A 149 14.21 15.60 -25.18
CA GLN A 149 15.41 14.87 -25.46
C GLN A 149 15.13 13.45 -25.93
N GLY A 150 13.86 13.11 -26.13
CA GLY A 150 13.51 11.75 -26.61
C GLY A 150 13.42 10.73 -25.48
N ILE A 151 13.31 11.22 -24.23
CA ILE A 151 13.29 10.33 -23.04
C ILE A 151 11.87 10.30 -22.43
N GLY A 152 11.37 9.08 -22.21
CA GLY A 152 10.04 8.84 -21.63
C GLY A 152 10.10 9.02 -20.12
N SER A 153 8.94 9.11 -19.47
CA SER A 153 8.83 9.32 -18.02
C SER A 153 7.42 9.05 -17.58
N ASN A 154 7.23 8.85 -16.28
CA ASN A 154 5.89 8.86 -15.71
C ASN A 154 5.96 9.51 -14.32
N ILE A 155 4.94 10.29 -13.95
CA ILE A 155 4.87 10.94 -12.63
C ILE A 155 4.03 9.98 -11.76
N ILE A 156 4.57 9.61 -10.60
CA ILE A 156 3.94 8.63 -9.72
C ILE A 156 3.71 9.33 -8.40
N LEU A 157 2.46 9.29 -7.97
CA LEU A 157 2.07 9.78 -6.68
C LEU A 157 1.72 8.62 -5.73
N GLY A 158 1.47 7.43 -6.28
CA GLY A 158 1.15 6.25 -5.44
C GLY A 158 2.36 5.53 -4.84
N PHE A 159 2.88 6.10 -3.74
CA PHE A 159 4.01 5.55 -3.02
C PHE A 159 3.92 6.03 -1.58
N ASP A 160 4.67 5.36 -0.72
CA ASP A 160 4.64 5.55 0.72
C ASP A 160 5.59 6.68 1.12
N LYS A 161 5.08 7.89 1.17
CA LYS A 161 5.90 9.08 1.41
C LYS A 161 6.67 9.04 2.73
N SER A 162 6.12 8.34 3.72
CA SER A 162 6.69 8.32 5.07
C SER A 162 8.03 7.58 5.16
N LYS A 163 8.38 6.78 4.16
CA LYS A 163 9.66 6.05 4.27
C LYS A 163 10.73 6.55 3.31
N VAL A 164 10.34 7.49 2.44
CA VAL A 164 11.22 7.88 1.33
C VAL A 164 12.49 8.56 1.82
N ASN A 165 12.38 9.43 2.83
CA ASN A 165 13.56 10.15 3.34
C ASN A 165 14.58 9.17 3.87
N GLU A 166 14.10 8.18 4.63
CA GLU A 166 14.92 7.15 5.22
C GLU A 166 15.63 6.31 4.15
N VAL A 167 14.85 5.74 3.24
CA VAL A 167 15.38 4.95 2.13
C VAL A 167 16.39 5.71 1.25
N LEU A 168 16.11 6.97 0.93
CA LEU A 168 16.99 7.74 0.06
C LEU A 168 18.05 8.57 0.80
N GLU A 169 18.03 8.52 2.14
CA GLU A 169 18.99 9.25 2.97
C GLU A 169 18.96 10.75 2.70
N ILE A 170 17.77 11.33 2.83
CA ILE A 170 17.56 12.76 2.61
C ILE A 170 17.00 13.36 3.90
N GLU A 171 17.51 14.51 4.32
CA GLU A 171 17.01 15.23 5.50
C GLU A 171 15.49 15.44 5.55
N ASP A 172 14.91 15.24 6.72
CA ASP A 172 13.46 15.30 6.93
C ASP A 172 12.86 16.69 6.65
N ARG A 173 13.73 17.71 6.64
CA ARG A 173 13.36 19.05 6.21
C ARG A 173 12.72 18.97 4.78
N PHE A 174 13.17 18.03 3.95
CA PHE A 174 12.64 17.83 2.60
C PHE A 174 11.56 16.74 2.58
N ARG A 175 10.37 17.08 2.08
CA ARG A 175 9.32 16.06 1.96
C ARG A 175 9.16 15.59 0.51
N PRO A 176 8.95 14.28 0.33
CA PRO A 176 8.81 13.78 -1.02
C PRO A 176 7.46 14.19 -1.60
N GLU A 177 7.48 14.69 -2.83
CA GLU A 177 6.21 15.04 -3.50
C GLU A 177 5.75 14.01 -4.52
N LEU A 178 6.71 13.52 -5.32
CA LEU A 178 6.45 12.73 -6.55
C LEU A 178 7.67 11.88 -6.85
N LEU A 179 7.43 10.72 -7.47
CA LEU A 179 8.51 9.95 -8.10
C LEU A 179 8.30 10.06 -9.60
N ILE A 180 9.34 10.39 -10.33
CA ILE A 180 9.30 10.50 -11.78
C ILE A 180 10.20 9.42 -12.30
N THR A 181 9.63 8.39 -12.90
CA THR A 181 10.46 7.37 -13.55
C THR A 181 10.97 7.89 -14.88
N VAL A 182 12.18 7.46 -15.23
CA VAL A 182 12.84 8.00 -16.43
C VAL A 182 13.42 6.86 -17.25
N GLY A 183 13.09 6.83 -18.52
CA GLY A 183 13.61 5.80 -19.40
C GLY A 183 13.05 5.90 -20.78
N TYR A 184 13.60 5.07 -21.66
CA TYR A 184 13.09 4.98 -23.02
C TYR A 184 11.95 3.98 -23.05
N THR A 185 10.95 4.27 -23.87
CA THR A 185 9.68 3.53 -23.88
C THR A 185 9.67 2.32 -24.79
N ASP A 186 9.17 1.20 -24.27
CA ASP A 186 9.10 -0.06 -24.99
C ASP A 186 7.71 -0.34 -25.60
N GLU A 187 6.88 0.70 -25.69
CA GLU A 187 5.58 0.54 -26.35
C GLU A 187 5.04 1.84 -26.93
N LYS A 188 4.44 1.73 -28.11
CA LYS A 188 3.69 2.84 -28.70
C LYS A 188 2.54 3.16 -27.77
N LEU A 189 2.39 4.44 -27.42
CA LEU A 189 1.23 4.81 -26.63
C LEU A 189 0.32 5.81 -27.30
N GLU A 190 -0.97 5.66 -27.00
CA GLU A 190 -1.99 6.55 -27.50
C GLU A 190 -2.21 7.67 -26.51
N PRO A 191 -2.56 8.86 -27.00
CA PRO A 191 -2.99 9.95 -26.13
C PRO A 191 -4.15 9.51 -25.27
N SER A 192 -4.07 9.79 -23.98
CA SER A 192 -5.18 9.53 -23.08
C SER A 192 -6.22 10.62 -23.22
N TYR A 193 -7.38 10.37 -22.64
CA TYR A 193 -8.54 11.22 -22.80
C TYR A 193 -8.40 12.58 -22.11
N ARG A 194 -8.81 13.63 -22.80
CA ARG A 194 -8.95 14.95 -22.17
C ARG A 194 -10.34 15.47 -22.45
N LEU A 195 -10.98 16.06 -21.46
CA LEU A 195 -12.26 16.74 -21.63
C LEU A 195 -12.22 17.77 -22.77
N PRO A 196 -13.35 17.94 -23.48
CA PRO A 196 -13.35 18.99 -24.52
C PRO A 196 -13.08 20.37 -23.89
N VAL A 197 -12.27 21.19 -24.54
CA VAL A 197 -11.81 22.45 -23.94
C VAL A 197 -12.96 23.37 -23.47
N ASP A 198 -14.01 23.51 -24.28
CA ASP A 198 -15.17 24.32 -23.89
C ASP A 198 -15.87 23.80 -22.63
N GLU A 199 -15.67 22.53 -22.30
CA GLU A 199 -16.18 21.96 -21.04
C GLU A 199 -15.51 22.52 -19.79
N ILE A 200 -14.28 23.02 -19.93
CA ILE A 200 -13.49 23.41 -18.75
C ILE A 200 -13.14 24.90 -18.75
N ILE A 201 -13.67 25.64 -19.72
CA ILE A 201 -13.51 27.08 -19.78
C ILE A 201 -14.79 27.82 -19.36
N GLU A 202 -14.62 28.87 -18.55
CA GLU A 202 -15.71 29.72 -18.14
C GLU A 202 -15.32 31.12 -18.51
N LYS A 203 -16.27 31.91 -19.01
CA LYS A 203 -16.02 33.28 -19.42
C LYS A 203 -16.64 34.25 -18.44
N ARG A 204 -15.82 35.19 -17.98
CA ARG A 204 -16.22 36.22 -17.02
C ARG A 204 -15.61 37.58 -17.36
N LYS B 5 13.57 22.42 -29.13
CA LYS B 5 13.91 23.86 -28.91
C LYS B 5 13.24 24.33 -27.63
N PHE B 6 13.07 23.38 -26.71
CA PHE B 6 12.39 23.60 -25.45
C PHE B 6 13.18 24.50 -24.54
N LEU B 7 14.52 24.33 -24.54
CA LEU B 7 15.39 25.27 -23.85
C LEU B 7 15.11 26.70 -24.29
N GLU B 8 15.02 26.94 -25.60
CA GLU B 8 14.75 28.28 -26.16
C GLU B 8 13.38 28.85 -25.72
N LEU B 9 12.34 28.03 -25.79
CA LEU B 9 11.02 28.42 -25.30
C LEU B 9 11.11 28.86 -23.82
N ASN B 10 11.75 28.06 -23.00
CA ASN B 10 11.87 28.38 -21.56
C ASN B 10 12.56 29.72 -21.35
N LYS B 11 13.64 29.95 -22.10
CA LYS B 11 14.40 31.20 -22.04
C LYS B 11 13.58 32.43 -22.46
N LYS B 12 12.51 32.26 -23.23
CA LYS B 12 11.68 33.43 -23.51
C LYS B 12 10.46 33.60 -22.63
N ARG B 13 10.22 32.66 -21.71
CA ARG B 13 9.17 32.85 -20.72
C ARG B 13 9.67 33.72 -19.58
N HIS B 14 8.94 34.80 -19.26
CA HIS B 14 9.32 35.68 -18.15
C HIS B 14 8.10 36.00 -17.32
N ALA B 15 8.32 36.41 -16.08
CA ALA B 15 7.21 36.96 -15.29
C ALA B 15 6.92 38.38 -15.79
N THR B 16 5.84 38.52 -16.55
CA THR B 16 5.58 39.85 -17.09
C THR B 16 4.57 40.63 -16.27
N LYS B 17 4.95 41.88 -16.01
CA LYS B 17 4.24 42.76 -15.09
C LYS B 17 3.68 44.03 -15.76
N HIS B 18 4.20 44.39 -16.93
CA HIS B 18 3.68 45.54 -17.69
C HIS B 18 3.41 45.14 -19.13
N PHE B 19 2.22 45.46 -19.61
CA PHE B 19 1.71 44.97 -20.87
C PHE B 19 1.49 46.12 -21.83
N THR B 20 1.59 45.82 -23.11
CA THR B 20 1.22 46.77 -24.15
C THR B 20 -0.30 46.80 -24.29
N ASP B 21 -0.79 47.64 -25.20
CA ASP B 21 -2.22 47.78 -25.47
C ASP B 21 -2.72 46.80 -26.55
N LYS B 22 -1.83 45.99 -27.11
CA LYS B 22 -2.24 45.00 -28.11
C LYS B 22 -3.32 44.06 -27.57
N LEU B 23 -4.39 43.88 -28.32
CA LEU B 23 -5.49 43.01 -27.91
C LEU B 23 -5.05 41.55 -27.86
N VAL B 24 -5.66 40.78 -26.95
CA VAL B 24 -5.41 39.34 -26.84
C VAL B 24 -6.61 38.59 -27.44
N ASP B 25 -6.33 37.87 -28.52
CA ASP B 25 -7.34 37.25 -29.35
C ASP B 25 -7.93 36.05 -28.63
N PRO B 26 -9.26 36.05 -28.37
CA PRO B 26 -9.88 34.98 -27.57
C PRO B 26 -9.59 33.59 -28.13
N LYS B 27 -9.36 33.52 -29.44
CA LYS B 27 -8.97 32.29 -30.11
C LYS B 27 -7.59 31.77 -29.62
N ASP B 28 -6.65 32.68 -29.40
CA ASP B 28 -5.33 32.32 -28.91
C ASP B 28 -5.36 31.80 -27.47
N VAL B 29 -6.15 32.45 -26.63
CA VAL B 29 -6.38 32.04 -25.26
C VAL B 29 -6.99 30.63 -25.23
N ARG B 30 -8.02 30.43 -26.03
CA ARG B 30 -8.65 29.11 -26.12
C ARG B 30 -7.67 28.03 -26.58
N THR B 31 -6.85 28.36 -27.57
CA THR B 31 -5.88 27.42 -28.10
C THR B 31 -4.80 27.05 -27.07
N ALA B 32 -4.33 28.06 -26.33
CA ALA B 32 -3.28 27.84 -25.33
C ALA B 32 -3.81 26.96 -24.22
N ILE B 33 -5.08 27.13 -23.90
CA ILE B 33 -5.70 26.35 -22.83
C ILE B 33 -5.86 24.91 -23.30
N GLU B 34 -6.29 24.75 -24.53
CA GLU B 34 -6.42 23.42 -25.11
C GLU B 34 -5.10 22.67 -25.05
N ILE B 35 -3.99 23.32 -25.39
CA ILE B 35 -2.65 22.70 -25.29
C ILE B 35 -2.24 22.44 -23.85
N ALA B 36 -2.49 23.43 -22.96
CA ALA B 36 -2.18 23.29 -21.55
C ALA B 36 -2.77 22.01 -20.96
N THR B 37 -4.03 21.77 -21.26
CA THR B 37 -4.73 20.62 -20.67
C THR B 37 -4.36 19.27 -21.27
N LEU B 38 -3.47 19.24 -22.27
CA LEU B 38 -2.73 18.03 -22.60
C LEU B 38 -1.82 17.50 -21.45
N ALA B 39 -1.58 18.37 -20.46
CA ALA B 39 -0.84 18.08 -19.24
C ALA B 39 -1.31 16.79 -18.61
N PRO B 40 -0.38 15.99 -18.04
CA PRO B 40 -0.88 14.83 -17.30
C PRO B 40 -1.46 15.33 -15.98
N SER B 41 -2.25 14.50 -15.34
CA SER B 41 -2.71 14.80 -13.99
C SER B 41 -2.76 13.47 -13.29
N ALA B 42 -2.70 13.49 -11.97
CA ALA B 42 -2.85 12.25 -11.23
C ALA B 42 -4.13 11.55 -11.64
N HIS B 43 -4.04 10.25 -11.95
CA HIS B 43 -5.21 9.44 -12.36
C HIS B 43 -5.91 9.95 -13.64
N ASN B 44 -5.26 10.87 -14.34
CA ASN B 44 -5.89 11.63 -15.43
C ASN B 44 -7.19 12.26 -14.96
N SER B 45 -7.20 12.73 -13.72
CA SER B 45 -8.42 13.31 -13.13
C SER B 45 -8.65 14.72 -13.66
N GLN B 46 -7.63 15.30 -14.29
CA GLN B 46 -7.74 16.63 -14.89
C GLN B 46 -8.75 17.56 -14.19
N PRO B 47 -8.53 17.80 -12.89
CA PRO B 47 -9.48 18.50 -12.01
C PRO B 47 -9.44 20.03 -12.08
N TRP B 48 -9.37 20.59 -13.28
CA TRP B 48 -9.22 22.00 -13.40
C TRP B 48 -10.38 22.70 -14.11
N LYS B 49 -10.52 24.00 -13.79
CA LYS B 49 -11.41 24.92 -14.45
C LYS B 49 -10.68 26.25 -14.69
N PHE B 50 -10.72 26.69 -15.95
CA PHE B 50 -10.06 27.90 -16.36
C PHE B 50 -11.09 29.00 -16.56
N VAL B 51 -10.99 30.04 -15.74
CA VAL B 51 -11.94 31.16 -15.79
C VAL B 51 -11.27 32.36 -16.46
N VAL B 52 -11.67 32.61 -17.72
CA VAL B 52 -11.06 33.64 -18.55
C VAL B 52 -11.75 34.98 -18.26
N VAL B 53 -11.08 35.84 -17.51
CA VAL B 53 -11.63 37.13 -17.09
C VAL B 53 -11.34 38.26 -18.09
N ARG B 54 -12.40 38.77 -18.72
CA ARG B 54 -12.31 39.89 -19.68
C ARG B 54 -13.21 41.07 -19.26
N GLU B 55 -14.27 40.78 -18.50
CA GLU B 55 -15.23 41.82 -18.09
C GLU B 55 -15.17 42.18 -16.61
N LYS B 56 -14.74 41.26 -15.76
CA LYS B 56 -14.71 41.49 -14.32
C LYS B 56 -13.32 41.85 -13.74
N ASN B 57 -12.39 42.26 -14.60
CA ASN B 57 -11.00 42.44 -14.19
C ASN B 57 -10.79 43.44 -13.05
N ALA B 58 -11.44 44.60 -13.14
CA ALA B 58 -11.29 45.67 -12.12
C ALA B 58 -11.69 45.18 -10.73
N GLU B 59 -12.78 44.43 -10.67
CA GLU B 59 -13.27 43.87 -9.44
C GLU B 59 -12.35 42.74 -8.93
N LEU B 60 -11.91 41.86 -9.84
CA LEU B 60 -10.92 40.83 -9.48
C LEU B 60 -9.67 41.45 -8.90
N ALA B 61 -9.21 42.52 -9.52
CA ALA B 61 -7.97 43.21 -9.12
C ALA B 61 -7.94 43.66 -7.65
N LYS B 62 -9.11 43.95 -7.09
CA LYS B 62 -9.20 44.41 -5.68
C LYS B 62 -8.81 43.29 -4.71
N LEU B 63 -8.92 42.05 -5.18
CA LEU B 63 -8.56 40.87 -4.37
C LEU B 63 -7.07 40.56 -4.37
N ALA B 64 -6.33 41.20 -5.27
CA ALA B 64 -4.89 40.94 -5.45
C ALA B 64 -4.01 41.88 -4.63
N TYR B 65 -3.07 41.29 -3.87
CA TYR B 65 -2.28 42.03 -2.89
C TYR B 65 -1.11 42.85 -3.48
N GLY B 66 -0.91 44.03 -2.90
CA GLY B 66 0.23 44.89 -3.22
C GLY B 66 0.37 45.15 -4.70
N SER B 67 1.56 44.91 -5.24
CA SER B 67 1.86 45.17 -6.64
C SER B 67 1.01 44.31 -7.63
N ASN B 68 0.42 43.21 -7.14
CA ASN B 68 -0.48 42.39 -7.98
C ASN B 68 -1.76 43.11 -8.38
N PHE B 69 -2.18 44.09 -7.57
CA PHE B 69 -3.35 44.89 -7.90
C PHE B 69 -3.22 45.51 -9.30
N GLU B 70 -2.06 46.11 -9.56
CA GLU B 70 -1.83 46.79 -10.83
C GLU B 70 -1.70 45.85 -12.01
N GLN B 71 -1.10 44.68 -11.78
CA GLN B 71 -1.00 43.64 -12.80
C GLN B 71 -2.37 43.19 -13.25
N VAL B 72 -3.23 42.83 -12.29
CA VAL B 72 -4.59 42.37 -12.58
C VAL B 72 -5.48 43.46 -13.18
N SER B 73 -5.28 44.72 -12.77
CA SER B 73 -5.95 45.88 -13.42
C SER B 73 -5.51 46.11 -14.84
N SER B 74 -4.20 46.01 -15.06
CA SER B 74 -3.59 46.34 -16.35
C SER B 74 -3.66 45.24 -17.40
N ALA B 75 -3.57 43.97 -16.97
CA ALA B 75 -3.59 42.86 -17.92
C ALA B 75 -4.89 42.81 -18.70
N PRO B 76 -4.79 42.74 -20.02
CA PRO B 76 -6.02 42.67 -20.80
C PRO B 76 -6.82 41.39 -20.46
N VAL B 77 -6.15 40.29 -20.14
CA VAL B 77 -6.85 39.07 -19.65
C VAL B 77 -6.20 38.55 -18.34
N THR B 78 -7.00 38.06 -17.39
CA THR B 78 -6.43 37.16 -16.37
C THR B 78 -7.22 35.87 -16.30
N ILE B 79 -6.47 34.77 -16.28
CA ILE B 79 -7.08 33.47 -16.26
C ILE B 79 -7.04 33.07 -14.82
N ALA B 80 -8.23 32.88 -14.24
CA ALA B 80 -8.33 32.41 -12.89
C ALA B 80 -8.44 30.90 -12.95
N LEU B 81 -7.49 30.24 -12.29
CA LEU B 81 -7.37 28.78 -12.35
C LEU B 81 -7.96 28.21 -11.08
N PHE B 82 -8.98 27.36 -11.25
CA PHE B 82 -9.67 26.73 -10.14
C PHE B 82 -9.44 25.23 -10.22
N THR B 83 -9.54 24.55 -9.08
CA THR B 83 -9.57 23.11 -9.07
C THR B 83 -10.89 22.63 -8.47
N ASP B 84 -11.29 21.42 -8.84
CA ASP B 84 -12.54 20.80 -8.44
C ASP B 84 -12.34 20.08 -7.10
N THR B 85 -12.90 20.62 -6.01
CA THR B 85 -12.72 20.00 -4.69
C THR B 85 -13.61 18.78 -4.51
N ASP B 86 -14.49 18.51 -5.48
CA ASP B 86 -15.30 17.26 -5.41
C ASP B 86 -14.75 16.27 -6.42
N LEU B 87 -13.78 15.48 -5.98
CA LEU B 87 -13.02 14.65 -6.90
C LEU B 87 -13.81 13.43 -7.41
N ALA B 88 -14.68 12.90 -6.56
CA ALA B 88 -15.61 11.81 -6.96
C ALA B 88 -16.51 12.35 -8.07
N LYS B 89 -17.00 13.57 -7.91
CA LYS B 89 -17.77 14.23 -8.95
C LYS B 89 -16.95 14.48 -10.23
N ARG B 90 -15.67 14.78 -10.06
CA ARG B 90 -14.78 14.99 -11.19
C ARG B 90 -14.56 13.67 -11.95
N ALA B 91 -14.25 12.59 -11.21
CA ALA B 91 -14.09 11.25 -11.80
C ALA B 91 -15.30 10.83 -12.65
N ARG B 92 -16.48 10.97 -12.07
CA ARG B 92 -17.74 10.61 -12.75
C ARG B 92 -18.07 11.52 -13.95
N LYS B 93 -17.69 12.79 -13.85
CA LYS B 93 -17.78 13.70 -14.99
C LYS B 93 -16.94 13.21 -16.18
N ILE B 94 -15.68 12.88 -15.93
CA ILE B 94 -14.83 12.33 -16.97
C ILE B 94 -15.50 11.12 -17.65
N ALA B 95 -16.04 10.22 -16.83
CA ALA B 95 -16.77 9.02 -17.31
C ALA B 95 -18.00 9.40 -18.13
N ARG B 96 -18.76 10.39 -17.66
CA ARG B 96 -19.96 10.83 -18.35
C ARG B 96 -19.62 11.43 -19.72
N VAL B 97 -18.78 12.47 -19.71
CA VAL B 97 -18.40 13.19 -20.92
C VAL B 97 -17.63 12.32 -21.92
N GLY B 98 -16.64 11.57 -21.44
CA GLY B 98 -15.83 10.70 -22.29
C GLY B 98 -16.60 9.54 -22.89
N GLY B 99 -17.37 8.88 -22.03
CA GLY B 99 -18.30 7.84 -22.44
C GLY B 99 -17.66 6.61 -23.06
N ALA B 100 -18.54 5.77 -23.61
CA ALA B 100 -18.21 4.58 -24.40
C ALA B 100 -17.31 4.90 -25.58
N ASN B 101 -17.41 6.11 -26.12
CA ASN B 101 -16.63 6.49 -27.28
C ASN B 101 -15.13 6.61 -26.98
N ASN B 102 -14.81 6.75 -25.69
CA ASN B 102 -13.43 7.01 -25.29
C ASN B 102 -12.92 5.97 -24.34
N PHE B 103 -13.84 5.37 -23.59
CA PHE B 103 -13.50 4.49 -22.52
C PHE B 103 -14.07 3.06 -22.65
N SER B 104 -13.22 2.07 -22.43
CA SER B 104 -13.67 0.67 -22.29
C SER B 104 -14.52 0.51 -21.04
N GLU B 105 -15.20 -0.64 -20.95
N GLU B 105 -15.23 -0.62 -20.88
CA GLU B 105 -16.01 -1.08 -19.81
CA GLU B 105 -16.09 -0.79 -19.71
C GLU B 105 -15.30 -0.87 -18.49
C GLU B 105 -15.31 -0.89 -18.39
N GLU B 106 -14.05 -1.32 -18.47
CA GLU B 106 -13.19 -1.38 -17.30
C GLU B 106 -12.74 0.03 -16.88
N GLN B 107 -12.36 0.82 -17.88
CA GLN B 107 -12.02 2.21 -17.69
C GLN B 107 -13.23 3.00 -17.15
N LEU B 108 -14.41 2.78 -17.73
CA LEU B 108 -15.61 3.48 -17.25
C LEU B 108 -15.90 3.18 -15.77
N GLN B 109 -15.74 1.91 -15.40
CA GLN B 109 -15.99 1.47 -14.02
C GLN B 109 -14.92 2.01 -13.08
N TYR B 110 -13.70 2.16 -13.59
CA TYR B 110 -12.62 2.74 -12.81
C TYR B 110 -12.96 4.18 -12.42
N PHE B 111 -13.47 4.96 -13.38
CA PHE B 111 -13.82 6.36 -13.15
C PHE B 111 -15.11 6.57 -12.38
N MSE B 112 -16.09 5.67 -12.55
CA MSE B 112 -17.37 5.76 -11.85
C MSE B 112 -17.36 5.13 -10.45
O MSE B 112 -18.09 5.58 -9.59
CB MSE B 112 -18.50 5.13 -12.67
CG MSE B 112 -19.06 6.03 -13.74
SE MSE B 112 -20.00 5.00 -15.14
CE MSE B 112 -19.43 3.16 -14.75
N LYS B 113 -16.54 4.10 -10.24
CA LYS B 113 -16.55 3.36 -8.95
C LYS B 113 -15.24 3.40 -8.17
N ASN B 114 -14.18 2.90 -8.79
CA ASN B 114 -12.89 2.69 -8.15
C ASN B 114 -12.21 3.97 -7.68
N LEU B 115 -12.25 4.98 -8.54
CA LEU B 115 -11.59 6.25 -8.31
C LEU B 115 -12.28 7.04 -7.19
N PRO B 116 -13.62 7.22 -7.26
CA PRO B 116 -14.30 7.88 -6.13
C PRO B 116 -14.04 7.20 -4.78
N ALA B 117 -13.93 5.87 -4.79
CA ALA B 117 -13.61 5.10 -3.58
C ALA B 117 -12.22 5.45 -3.04
N GLU B 118 -11.24 5.52 -3.93
CA GLU B 118 -9.89 5.96 -3.55
C GLU B 118 -9.94 7.38 -3.00
N PHE B 119 -10.60 8.28 -3.72
CA PHE B 119 -10.70 9.66 -3.27
C PHE B 119 -11.35 9.75 -1.87
N ALA B 120 -12.30 8.87 -1.57
CA ALA B 120 -13.00 8.91 -0.27
C ALA B 120 -12.05 8.70 0.91
N ARG B 121 -10.94 8.01 0.68
CA ARG B 121 -10.00 7.62 1.73
C ARG B 121 -8.96 8.71 2.05
N TYR B 122 -8.84 9.72 1.19
CA TYR B 122 -7.83 10.79 1.34
C TYR B 122 -8.17 11.71 2.52
N SER B 123 -7.18 12.02 3.35
CA SER B 123 -7.33 13.09 4.34
C SER B 123 -7.59 14.43 3.64
N GLU B 124 -8.08 15.40 4.42
CA GLU B 124 -8.27 16.77 3.95
C GLU B 124 -6.98 17.36 3.33
N GLN B 125 -5.84 17.19 3.99
CA GLN B 125 -4.54 17.70 3.49
C GLN B 125 -4.13 17.01 2.18
N GLN B 126 -4.34 15.70 2.12
CA GLN B 126 -4.02 14.94 0.94
C GLN B 126 -4.82 15.45 -0.26
N VAL B 127 -6.12 15.64 -0.07
CA VAL B 127 -6.92 16.27 -1.09
C VAL B 127 -6.43 17.67 -1.47
N SER B 128 -6.14 18.54 -0.49
CA SER B 128 -5.62 19.87 -0.78
C SER B 128 -4.31 19.84 -1.58
N ASP B 129 -3.40 18.96 -1.18
CA ASP B 129 -2.11 18.83 -1.86
C ASP B 129 -2.28 18.32 -3.29
N TYR B 130 -3.24 17.39 -3.47
CA TYR B 130 -3.56 16.80 -4.80
C TYR B 130 -4.03 17.88 -5.81
N LEU B 131 -4.94 18.73 -5.38
CA LEU B 131 -5.45 19.79 -6.25
C LEU B 131 -4.35 20.80 -6.55
N ALA B 132 -3.60 21.20 -5.51
CA ALA B 132 -2.51 22.18 -5.68
C ALA B 132 -1.47 21.69 -6.68
N LEU B 133 -1.04 20.43 -6.54
CA LEU B 133 -0.03 19.89 -7.45
C LEU B 133 -0.49 19.81 -8.90
N ASN B 134 -1.71 19.29 -9.08
CA ASN B 134 -2.33 19.26 -10.40
C ASN B 134 -2.52 20.65 -11.01
N ALA B 135 -2.83 21.65 -10.19
CA ALA B 135 -2.87 23.04 -10.67
C ALA B 135 -1.51 23.52 -11.16
N GLY B 136 -0.45 23.22 -10.40
CA GLY B 136 0.93 23.55 -10.81
C GLY B 136 1.29 22.89 -12.15
N LEU B 137 0.92 21.62 -12.34
CA LEU B 137 1.28 20.94 -13.60
C LEU B 137 0.67 21.66 -14.80
N VAL B 138 -0.62 21.97 -14.72
CA VAL B 138 -1.32 22.58 -15.86
C VAL B 138 -0.95 24.07 -15.97
N ALA B 139 -0.72 24.76 -14.85
CA ALA B 139 -0.37 26.15 -14.96
C ALA B 139 0.95 26.32 -15.69
N MSE B 140 1.93 25.44 -15.41
CA MSE B 140 3.20 25.47 -16.11
C MSE B 140 2.99 25.31 -17.62
O MSE B 140 3.58 26.05 -18.42
CB MSE B 140 4.14 24.36 -15.60
CG MSE B 140 5.46 24.30 -16.36
SE MSE B 140 6.68 25.66 -15.64
CE MSE B 140 6.92 26.85 -17.07
N ASN B 141 2.14 24.35 -17.99
CA ASN B 141 1.87 24.02 -19.41
C ASN B 141 1.17 25.18 -20.12
N LEU B 142 0.26 25.84 -19.41
CA LEU B 142 -0.48 27.02 -19.95
C LEU B 142 0.48 28.16 -20.29
N VAL B 143 1.34 28.46 -19.31
CA VAL B 143 2.31 29.52 -19.40
C VAL B 143 3.31 29.33 -20.56
N LEU B 144 3.75 28.08 -20.75
CA LEU B 144 4.56 27.75 -21.93
C LEU B 144 3.80 27.86 -23.25
N ALA B 145 2.58 27.31 -23.27
CA ALA B 145 1.66 27.45 -24.41
C ALA B 145 1.49 28.92 -24.85
N LEU B 146 1.21 29.79 -23.89
CA LEU B 146 1.15 31.23 -24.16
C LEU B 146 2.47 31.75 -24.73
N THR B 147 3.58 31.41 -24.06
CA THR B 147 4.90 31.83 -24.52
C THR B 147 5.16 31.45 -25.98
N ASP B 148 4.72 30.23 -26.34
CA ASP B 148 4.99 29.69 -27.65
C ASP B 148 4.23 30.51 -28.70
N GLN B 149 3.11 31.13 -28.30
CA GLN B 149 2.34 32.04 -29.15
C GLN B 149 2.76 33.50 -29.10
N GLY B 150 3.87 33.81 -28.46
CA GLY B 150 4.36 35.21 -28.39
C GLY B 150 3.68 36.06 -27.33
N ILE B 151 2.97 35.40 -26.40
CA ILE B 151 2.16 36.09 -25.40
C ILE B 151 2.79 35.97 -24.01
N GLY B 152 2.87 37.12 -23.31
CA GLY B 152 3.43 37.20 -21.94
C GLY B 152 2.44 36.75 -20.87
N SER B 153 2.95 36.46 -19.68
CA SER B 153 2.10 35.97 -18.61
C SER B 153 2.78 36.20 -17.29
N ASN B 154 2.03 36.14 -16.21
CA ASN B 154 2.62 36.05 -14.89
C ASN B 154 1.67 35.23 -14.04
N ILE B 155 2.21 34.38 -13.19
CA ILE B 155 1.42 33.61 -12.26
C ILE B 155 1.37 34.38 -10.93
N ILE B 156 0.20 34.49 -10.33
CA ILE B 156 0.02 35.24 -9.10
C ILE B 156 -0.64 34.37 -8.03
N LEU B 157 0.04 34.24 -6.89
CA LEU B 157 -0.47 33.52 -5.75
C LEU B 157 -0.92 34.51 -4.65
N GLY B 158 -0.58 35.77 -4.81
CA GLY B 158 -0.84 36.81 -3.78
C GLY B 158 -2.17 37.48 -3.97
N PHE B 159 -3.23 36.80 -3.52
CA PHE B 159 -4.61 37.26 -3.70
C PHE B 159 -5.51 36.63 -2.67
N ASP B 160 -6.63 37.29 -2.43
CA ASP B 160 -7.59 36.84 -1.47
C ASP B 160 -8.43 35.70 -2.01
N LYS B 161 -8.05 34.48 -1.68
CA LYS B 161 -8.78 33.29 -2.18
C LYS B 161 -10.23 33.20 -1.70
N SER B 162 -10.51 33.74 -0.51
CA SER B 162 -11.86 33.65 0.09
C SER B 162 -12.99 34.39 -0.69
N LYS B 163 -12.61 35.34 -1.54
CA LYS B 163 -13.61 36.17 -2.23
C LYS B 163 -13.72 35.96 -3.73
N VAL B 164 -12.82 35.16 -4.29
CA VAL B 164 -12.78 34.96 -5.73
C VAL B 164 -14.05 34.29 -6.27
N ASN B 165 -14.60 33.32 -5.53
CA ASN B 165 -15.82 32.67 -5.99
C ASN B 165 -17.00 33.64 -6.15
N GLU B 166 -17.20 34.48 -5.12
CA GLU B 166 -18.27 35.51 -5.10
C GLU B 166 -18.08 36.50 -6.24
N VAL B 167 -16.89 37.08 -6.33
CA VAL B 167 -16.56 38.06 -7.37
C VAL B 167 -16.70 37.56 -8.81
N LEU B 168 -16.22 36.33 -9.07
CA LEU B 168 -16.23 35.78 -10.42
C LEU B 168 -17.45 34.92 -10.68
N GLU B 169 -18.32 34.81 -9.68
CA GLU B 169 -19.58 34.05 -9.79
C GLU B 169 -19.33 32.59 -10.21
N ILE B 170 -18.52 31.91 -9.40
CA ILE B 170 -18.08 30.54 -9.64
C ILE B 170 -18.52 29.69 -8.44
N GLU B 171 -19.15 28.54 -8.70
CA GLU B 171 -19.65 27.68 -7.63
C GLU B 171 -18.52 27.28 -6.68
N ASP B 172 -18.85 27.27 -5.39
CA ASP B 172 -17.93 26.96 -4.32
C ASP B 172 -17.29 25.57 -4.40
N ARG B 173 -17.85 24.67 -5.22
CA ARG B 173 -17.26 23.35 -5.46
C ARG B 173 -15.81 23.52 -5.93
N PHE B 174 -15.59 24.59 -6.67
CA PHE B 174 -14.29 24.90 -7.29
C PHE B 174 -13.57 25.94 -6.48
N ARG B 175 -12.27 25.72 -6.25
CA ARG B 175 -11.48 26.61 -5.44
C ARG B 175 -10.38 27.32 -6.23
N PRO B 176 -10.20 28.62 -5.96
CA PRO B 176 -9.23 29.34 -6.75
C PRO B 176 -7.82 28.89 -6.36
N GLU B 177 -6.98 28.63 -7.36
CA GLU B 177 -5.58 28.24 -7.10
C GLU B 177 -4.59 29.35 -7.43
N LEU B 178 -4.78 29.98 -8.59
CA LEU B 178 -3.79 30.94 -9.13
C LEU B 178 -4.53 31.90 -10.01
N LEU B 179 -4.02 33.14 -10.07
CA LEU B 179 -4.38 34.09 -11.14
C LEU B 179 -3.26 34.11 -12.15
N ILE B 180 -3.60 34.07 -13.42
CA ILE B 180 -2.56 34.14 -14.42
C ILE B 180 -2.89 35.30 -15.33
N THR B 181 -2.13 36.38 -15.22
CA THR B 181 -2.31 37.52 -16.13
C THR B 181 -1.74 37.15 -17.50
N VAL B 182 -2.38 37.68 -18.54
CA VAL B 182 -2.07 37.34 -19.92
C VAL B 182 -2.13 38.62 -20.79
N GLY B 183 -1.09 38.83 -21.58
CA GLY B 183 -0.95 40.01 -22.41
C GLY B 183 0.42 40.04 -23.04
N TYR B 184 0.59 40.92 -24.01
CA TYR B 184 1.86 41.14 -24.66
C TYR B 184 2.73 42.08 -23.84
N THR B 185 4.04 41.84 -23.78
CA THR B 185 4.91 42.61 -22.87
C THR B 185 5.52 43.90 -23.45
N ASP B 186 5.69 44.86 -22.56
CA ASP B 186 6.06 46.23 -22.86
C ASP B 186 7.54 46.56 -22.48
N GLU B 187 8.26 45.59 -21.92
CA GLU B 187 9.66 45.77 -21.51
C GLU B 187 10.57 44.55 -21.71
N LYS B 188 11.85 44.84 -21.94
CA LYS B 188 12.92 43.83 -21.95
C LYS B 188 12.97 43.23 -20.55
N LEU B 189 12.66 41.94 -20.44
CA LEU B 189 12.84 41.28 -19.15
C LEU B 189 14.11 40.44 -19.19
N GLU B 190 14.90 40.53 -18.13
CA GLU B 190 16.04 39.63 -18.01
C GLU B 190 15.65 38.43 -17.13
N PRO B 191 16.26 37.25 -17.36
CA PRO B 191 15.98 36.07 -16.53
C PRO B 191 16.24 36.36 -15.04
N SER B 192 15.33 35.92 -14.19
CA SER B 192 15.49 35.95 -12.74
C SER B 192 16.46 34.85 -12.30
N TYR B 193 16.94 34.96 -11.07
CA TYR B 193 17.98 34.09 -10.57
C TYR B 193 17.50 32.63 -10.41
N ARG B 194 18.36 31.67 -10.79
CA ARG B 194 18.14 30.26 -10.45
C ARG B 194 19.39 29.73 -9.76
N LEU B 195 19.20 28.94 -8.71
CA LEU B 195 20.27 28.23 -8.03
C LEU B 195 21.08 27.42 -9.03
N PRO B 196 22.38 27.25 -8.78
CA PRO B 196 23.14 26.35 -9.65
C PRO B 196 22.52 24.93 -9.60
N VAL B 197 22.41 24.29 -10.75
CA VAL B 197 21.77 22.96 -10.79
C VAL B 197 22.38 21.93 -9.80
N ASP B 198 23.70 21.96 -9.61
CA ASP B 198 24.35 20.97 -8.74
C ASP B 198 24.08 21.22 -7.27
N GLU B 199 23.48 22.38 -6.98
CA GLU B 199 23.05 22.71 -5.65
C GLU B 199 21.66 22.13 -5.28
N ILE B 200 20.83 21.86 -6.29
CA ILE B 200 19.48 21.29 -6.05
C ILE B 200 19.34 19.75 -6.39
N ILE B 201 20.46 19.13 -6.81
CA ILE B 201 20.52 17.70 -7.14
C ILE B 201 21.27 16.85 -6.10
N GLU B 202 20.66 15.74 -5.67
CA GLU B 202 21.39 14.71 -4.95
C GLU B 202 21.43 13.41 -5.77
N LYS B 203 22.51 12.66 -5.58
CA LYS B 203 22.66 11.40 -6.32
C LYS B 203 22.50 10.23 -5.32
N ARG B 204 21.66 9.28 -5.68
CA ARG B 204 21.44 8.12 -4.85
C ARG B 204 21.26 6.90 -5.75
N LYS C 5 -5.69 -27.24 31.53
CA LYS C 5 -7.00 -26.59 31.18
C LYS C 5 -7.17 -26.40 29.66
N PHE C 6 -6.21 -25.72 29.03
CA PHE C 6 -6.17 -25.64 27.59
C PHE C 6 -5.79 -27.01 27.02
N LEU C 7 -5.02 -27.77 27.80
CA LEU C 7 -4.74 -29.19 27.51
C LEU C 7 -6.03 -29.98 27.41
N GLU C 8 -6.92 -29.76 28.39
CA GLU C 8 -8.24 -30.38 28.45
C GLU C 8 -9.06 -30.03 27.20
N LEU C 9 -9.16 -28.73 26.88
CA LEU C 9 -9.86 -28.35 25.63
C LEU C 9 -9.26 -29.05 24.39
N ASN C 10 -7.93 -29.12 24.31
CA ASN C 10 -7.27 -29.84 23.19
C ASN C 10 -7.60 -31.33 23.12
N LYS C 11 -7.72 -31.95 24.29
CA LYS C 11 -8.12 -33.36 24.40
C LYS C 11 -9.59 -33.60 24.01
N LYS C 12 -10.43 -32.55 24.05
CA LYS C 12 -11.82 -32.61 23.61
C LYS C 12 -11.99 -32.45 22.10
N ARG C 13 -11.02 -31.79 21.44
CA ARG C 13 -11.10 -31.57 20.00
C ARG C 13 -10.73 -32.82 19.20
N HIS C 14 -11.62 -33.24 18.30
CA HIS C 14 -11.39 -34.43 17.45
C HIS C 14 -11.78 -34.15 16.00
N ALA C 15 -11.20 -34.85 15.05
CA ALA C 15 -11.70 -34.75 13.68
C ALA C 15 -13.06 -35.45 13.62
N THR C 16 -14.15 -34.66 13.67
CA THR C 16 -15.51 -35.22 13.68
C THR C 16 -16.07 -35.56 12.28
N LYS C 17 -16.43 -36.83 12.07
CA LYS C 17 -16.88 -37.27 10.77
C LYS C 17 -18.36 -37.65 10.68
N HIS C 18 -18.94 -38.06 11.81
CA HIS C 18 -20.36 -38.42 11.89
C HIS C 18 -21.07 -37.54 12.88
N PHE C 19 -22.14 -36.91 12.40
CA PHE C 19 -22.87 -35.93 13.16
C PHE C 19 -24.24 -36.46 13.56
N THR C 20 -24.74 -36.01 14.71
CA THR C 20 -26.11 -36.25 15.15
C THR C 20 -26.99 -35.26 14.41
N ASP C 21 -28.31 -35.39 14.59
CA ASP C 21 -29.28 -34.47 14.00
C ASP C 21 -29.55 -33.22 14.86
N LYS C 22 -28.80 -33.04 15.93
CA LYS C 22 -28.97 -31.82 16.75
C LYS C 22 -28.68 -30.57 15.92
N LEU C 23 -29.50 -29.54 16.14
CA LEU C 23 -29.45 -28.33 15.36
C LEU C 23 -28.30 -27.45 15.89
N VAL C 24 -27.58 -26.81 14.99
CA VAL C 24 -26.50 -25.89 15.38
C VAL C 24 -27.05 -24.46 15.38
N ASP C 25 -27.12 -23.86 16.56
CA ASP C 25 -27.65 -22.50 16.74
C ASP C 25 -26.78 -21.47 15.97
N PRO C 26 -27.37 -20.68 15.05
CA PRO C 26 -26.61 -19.61 14.34
C PRO C 26 -25.84 -18.66 15.22
N LYS C 27 -26.38 -18.40 16.41
CA LYS C 27 -25.74 -17.58 17.41
C LYS C 27 -24.46 -18.22 18.02
N ASP C 28 -24.41 -19.55 18.10
CA ASP C 28 -23.22 -20.21 18.56
C ASP C 28 -22.09 -20.15 17.54
N VAL C 29 -22.45 -20.21 16.26
CA VAL C 29 -21.49 -20.18 15.17
C VAL C 29 -20.87 -18.76 15.10
N ARG C 30 -21.72 -17.74 15.14
CA ARG C 30 -21.29 -16.33 15.15
C ARG C 30 -20.35 -16.02 16.34
N THR C 31 -20.72 -16.49 17.52
CA THR C 31 -19.82 -16.37 18.69
C THR C 31 -18.43 -17.02 18.51
N ALA C 32 -18.40 -18.26 18.04
CA ALA C 32 -17.14 -18.97 17.79
C ALA C 32 -16.29 -18.25 16.76
N ILE C 33 -16.92 -17.70 15.73
CA ILE C 33 -16.17 -16.95 14.69
C ILE C 33 -15.65 -15.65 15.30
N GLU C 34 -16.46 -15.04 16.17
CA GLU C 34 -16.01 -13.82 16.87
C GLU C 34 -14.81 -14.10 17.78
N ILE C 35 -14.84 -15.21 18.53
CA ILE C 35 -13.65 -15.61 19.33
C ILE C 35 -12.47 -15.96 18.42
N ALA C 36 -12.74 -16.70 17.34
CA ALA C 36 -11.69 -17.18 16.43
C ALA C 36 -10.85 -16.01 15.89
N THR C 37 -11.53 -14.95 15.47
CA THR C 37 -10.84 -13.83 14.82
C THR C 37 -10.04 -12.89 15.77
N LEU C 38 -10.01 -13.25 17.06
CA LEU C 38 -9.09 -12.63 18.00
C LEU C 38 -7.71 -13.16 17.70
N ALA C 39 -7.64 -14.26 16.95
CA ALA C 39 -6.37 -14.81 16.46
C ALA C 39 -5.48 -13.69 16.00
N PRO C 40 -4.18 -13.83 16.18
CA PRO C 40 -3.29 -12.85 15.57
C PRO C 40 -3.18 -13.21 14.08
N SER C 41 -2.66 -12.30 13.27
CA SER C 41 -2.35 -12.57 11.87
C SER C 41 -1.18 -11.65 11.49
N ALA C 42 -0.41 -12.02 10.47
CA ALA C 42 0.74 -11.20 10.03
C ALA C 42 0.26 -9.78 9.72
N HIS C 43 0.94 -8.76 10.27
CA HIS C 43 0.60 -7.34 10.09
C HIS C 43 -0.75 -6.92 10.67
N ASN C 44 -1.39 -7.83 11.41
CA ASN C 44 -2.80 -7.69 11.78
C ASN C 44 -3.67 -7.50 10.54
N SER C 45 -3.30 -8.23 9.48
CA SER C 45 -3.98 -8.07 8.21
C SER C 45 -5.31 -8.80 8.18
N GLN C 46 -5.53 -9.71 9.16
CA GLN C 46 -6.78 -10.46 9.29
C GLN C 46 -7.48 -10.72 7.96
N PRO C 47 -6.79 -11.41 7.05
CA PRO C 47 -7.21 -11.41 5.65
C PRO C 47 -8.21 -12.50 5.35
N TRP C 48 -9.26 -12.59 6.15
CA TRP C 48 -10.10 -13.79 6.15
C TRP C 48 -11.58 -13.47 6.00
N LYS C 49 -12.30 -14.42 5.44
CA LYS C 49 -13.75 -14.29 5.28
C LYS C 49 -14.35 -15.63 5.57
N PHE C 50 -15.38 -15.61 6.40
CA PHE C 50 -16.03 -16.85 6.79
C PHE C 50 -17.37 -16.95 6.12
N VAL C 51 -17.54 -17.96 5.28
CA VAL C 51 -18.84 -18.23 4.62
C VAL C 51 -19.62 -19.34 5.34
N VAL C 52 -20.71 -18.95 6.01
CA VAL C 52 -21.50 -19.87 6.79
C VAL C 52 -22.59 -20.46 5.90
N VAL C 53 -22.42 -21.74 5.58
CA VAL C 53 -23.29 -22.42 4.63
C VAL C 53 -24.35 -23.22 5.38
N ARG C 54 -25.60 -22.77 5.25
CA ARG C 54 -26.78 -23.45 5.78
C ARG C 54 -27.83 -23.78 4.69
N GLU C 55 -27.76 -23.09 3.55
CA GLU C 55 -28.70 -23.30 2.45
C GLU C 55 -28.06 -24.16 1.35
N LYS C 56 -26.80 -23.88 1.00
CA LYS C 56 -26.14 -24.51 -0.17
C LYS C 56 -25.31 -25.75 0.15
N ASN C 57 -25.63 -26.43 1.24
CA ASN C 57 -24.81 -27.54 1.69
C ASN C 57 -24.68 -28.66 0.66
N ALA C 58 -25.82 -29.04 0.08
CA ALA C 58 -25.87 -30.11 -0.91
C ALA C 58 -25.01 -29.84 -2.13
N GLU C 59 -25.09 -28.61 -2.65
CA GLU C 59 -24.28 -28.24 -3.80
C GLU C 59 -22.81 -28.18 -3.41
N LEU C 60 -22.50 -27.62 -2.24
CA LEU C 60 -21.12 -27.56 -1.78
C LEU C 60 -20.54 -28.97 -1.67
N ALA C 61 -21.32 -29.90 -1.10
CA ALA C 61 -20.90 -31.29 -0.95
C ALA C 61 -20.50 -31.94 -2.25
N LYS C 62 -21.14 -31.57 -3.34
CA LYS C 62 -20.70 -32.10 -4.67
C LYS C 62 -19.25 -31.76 -5.01
N LEU C 63 -18.68 -30.74 -4.37
CA LEU C 63 -17.27 -30.37 -4.65
C LEU C 63 -16.24 -31.08 -3.75
N ALA C 64 -16.73 -31.81 -2.77
CA ALA C 64 -15.85 -32.51 -1.85
C ALA C 64 -15.30 -33.80 -2.48
N TYR C 65 -14.03 -34.10 -2.20
CA TYR C 65 -13.39 -35.27 -2.75
C TYR C 65 -13.40 -36.41 -1.74
N GLY C 66 -13.01 -37.62 -2.19
CA GLY C 66 -12.94 -38.81 -1.33
C GLY C 66 -14.18 -39.04 -0.50
N SER C 67 -13.98 -39.28 0.79
CA SER C 67 -15.09 -39.47 1.74
C SER C 67 -15.59 -38.14 2.32
N ASN C 68 -15.06 -37.01 1.85
CA ASN C 68 -15.54 -35.72 2.32
C ASN C 68 -16.97 -35.40 1.92
N PHE C 69 -17.46 -36.07 0.87
CA PHE C 69 -18.83 -35.80 0.41
C PHE C 69 -19.88 -36.02 1.50
N GLU C 70 -19.86 -37.18 2.15
CA GLU C 70 -20.85 -37.46 3.20
C GLU C 70 -20.69 -36.51 4.40
N GLN C 71 -19.45 -36.08 4.68
CA GLN C 71 -19.18 -35.09 5.74
C GLN C 71 -19.90 -33.76 5.50
N VAL C 72 -19.69 -33.18 4.31
CA VAL C 72 -20.29 -31.89 3.97
C VAL C 72 -21.82 -32.00 3.78
N SER C 73 -22.26 -33.10 3.19
CA SER C 73 -23.70 -33.39 3.03
C SER C 73 -24.42 -33.47 4.34
N SER C 74 -23.83 -34.15 5.33
CA SER C 74 -24.55 -34.44 6.60
C SER C 74 -24.40 -33.38 7.69
N ALA C 75 -23.28 -32.64 7.70
CA ALA C 75 -23.05 -31.61 8.71
C ALA C 75 -24.09 -30.52 8.62
N PRO C 76 -24.72 -30.15 9.74
CA PRO C 76 -25.75 -29.08 9.72
C PRO C 76 -25.20 -27.76 9.21
N VAL C 77 -23.93 -27.53 9.47
CA VAL C 77 -23.23 -26.31 9.00
C VAL C 77 -21.87 -26.69 8.45
N THR C 78 -21.50 -26.01 7.37
CA THR C 78 -20.13 -26.00 6.89
C THR C 78 -19.71 -24.54 6.79
N ILE C 79 -18.53 -24.25 7.32
CA ILE C 79 -17.92 -22.92 7.21
C ILE C 79 -16.84 -22.99 6.14
N ALA C 80 -17.07 -22.28 5.02
CA ALA C 80 -16.07 -22.12 3.99
C ALA C 80 -15.23 -20.91 4.33
N LEU C 81 -13.93 -21.16 4.52
CA LEU C 81 -12.95 -20.14 4.90
C LEU C 81 -12.22 -19.70 3.64
N PHE C 82 -12.32 -18.41 3.33
CA PHE C 82 -11.66 -17.78 2.21
C PHE C 82 -10.64 -16.80 2.73
N THR C 83 -9.66 -16.48 1.89
CA THR C 83 -8.71 -15.45 2.26
C THR C 83 -8.66 -14.38 1.17
N ASP C 84 -8.34 -13.18 1.60
CA ASP C 84 -8.35 -12.02 0.73
C ASP C 84 -7.06 -11.98 -0.12
N THR C 85 -7.16 -12.24 -1.42
CA THR C 85 -5.98 -12.21 -2.29
C THR C 85 -5.51 -10.80 -2.64
N ASP C 86 -6.34 -9.80 -2.38
CA ASP C 86 -5.89 -8.42 -2.59
C ASP C 86 -5.44 -7.83 -1.25
N LEU C 87 -4.18 -8.07 -0.89
CA LEU C 87 -3.73 -7.70 0.46
C LEU C 87 -3.65 -6.20 0.69
N ALA C 88 -3.26 -5.43 -0.33
CA ALA C 88 -3.37 -3.94 -0.32
C ALA C 88 -4.80 -3.42 0.00
N LYS C 89 -5.77 -3.95 -0.72
CA LYS C 89 -7.19 -3.65 -0.48
C LYS C 89 -7.70 -4.01 0.92
N ARG C 90 -7.23 -5.14 1.45
CA ARG C 90 -7.54 -5.57 2.84
C ARG C 90 -6.95 -4.58 3.86
N ALA C 91 -5.70 -4.15 3.64
CA ALA C 91 -5.10 -3.15 4.54
C ALA C 91 -5.97 -1.89 4.58
N ARG C 92 -6.43 -1.45 3.42
CA ARG C 92 -7.20 -0.23 3.33
C ARG C 92 -8.58 -0.42 3.89
N LYS C 93 -9.14 -1.61 3.70
CA LYS C 93 -10.40 -2.01 4.37
C LYS C 93 -10.37 -1.83 5.92
N ILE C 94 -9.33 -2.36 6.55
N ILE C 94 -9.31 -2.33 6.55
CA ILE C 94 -9.11 -2.21 7.98
CA ILE C 94 -9.08 -2.22 7.99
C ILE C 94 -9.07 -0.71 8.32
C ILE C 94 -8.92 -0.75 8.43
N ALA C 95 -8.23 0.05 7.61
CA ALA C 95 -8.09 1.49 7.85
C ALA C 95 -9.46 2.18 7.83
N ARG C 96 -10.26 1.85 6.81
CA ARG C 96 -11.62 2.38 6.60
C ARG C 96 -12.62 1.97 7.66
N VAL C 97 -12.65 0.68 8.02
CA VAL C 97 -13.66 0.20 8.96
C VAL C 97 -13.30 0.60 10.39
N GLY C 98 -12.04 0.39 10.79
CA GLY C 98 -11.57 0.79 12.11
C GLY C 98 -11.52 2.31 12.29
N GLY C 99 -10.92 2.99 11.31
CA GLY C 99 -10.89 4.45 11.28
C GLY C 99 -10.20 5.14 12.45
N ALA C 100 -10.39 6.47 12.50
CA ALA C 100 -9.94 7.33 13.59
C ALA C 100 -10.43 6.89 14.97
N ASN C 101 -11.62 6.27 15.04
CA ASN C 101 -12.13 5.74 16.32
C ASN C 101 -11.25 4.64 16.93
N ASN C 102 -10.52 3.92 16.08
CA ASN C 102 -9.72 2.77 16.51
C ASN C 102 -8.22 2.97 16.41
N PHE C 103 -7.78 3.88 15.54
CA PHE C 103 -6.36 4.01 15.25
C PHE C 103 -5.84 5.40 15.49
N SER C 104 -4.66 5.46 16.09
CA SER C 104 -3.84 6.67 16.12
C SER C 104 -3.45 7.07 14.68
N GLU C 105 -2.78 8.20 14.59
N GLU C 105 -2.78 8.21 14.53
CA GLU C 105 -2.23 8.76 13.34
CA GLU C 105 -2.35 8.68 13.20
C GLU C 105 -1.32 7.77 12.66
C GLU C 105 -1.28 7.77 12.60
N GLU C 106 -0.40 7.21 13.46
CA GLU C 106 0.62 6.27 13.03
C GLU C 106 0.01 4.93 12.57
N GLN C 107 -0.94 4.41 13.36
CA GLN C 107 -1.65 3.18 13.05
C GLN C 107 -2.45 3.34 11.76
N LEU C 108 -3.11 4.49 11.59
CA LEU C 108 -3.87 4.73 10.35
C LEU C 108 -2.94 4.75 9.15
N GLN C 109 -1.75 5.31 9.36
CA GLN C 109 -0.73 5.36 8.32
C GLN C 109 -0.20 3.95 7.98
N TYR C 110 -0.04 3.10 9.02
CA TYR C 110 0.38 1.72 8.83
C TYR C 110 -0.48 0.96 7.82
N PHE C 111 -1.80 0.94 8.04
CA PHE C 111 -2.74 0.24 7.12
C PHE C 111 -3.01 0.95 5.80
N MSE C 112 -3.09 2.28 5.88
N MSE C 112 -3.11 2.27 5.85
CA MSE C 112 -3.48 3.09 4.74
CA MSE C 112 -3.49 3.02 4.65
C MSE C 112 -2.34 3.26 3.77
C MSE C 112 -2.30 3.21 3.72
O MSE C 112 -2.56 3.31 2.55
O MSE C 112 -2.48 3.24 2.50
CB MSE C 112 -3.97 4.46 5.22
CB MSE C 112 -4.08 4.38 5.00
CG MSE C 112 -4.87 5.22 4.24
CG MSE C 112 -5.43 4.30 5.68
SE MSE C 112 -6.36 4.15 3.64
SE MSE C 112 -6.46 5.95 5.68
CE MSE C 112 -5.73 3.82 1.98
CE MSE C 112 -7.41 5.66 4.09
N LYS C 113 -1.11 3.34 4.30
CA LYS C 113 0.08 3.69 3.53
C LYS C 113 1.24 2.72 3.59
N ASN C 114 1.63 2.27 4.79
CA ASN C 114 2.79 1.40 4.84
C ASN C 114 2.51 0.01 4.24
N LEU C 115 1.30 -0.52 4.49
CA LEU C 115 1.04 -1.91 4.12
C LEU C 115 0.81 -2.09 2.61
N PRO C 116 0.00 -1.23 1.97
CA PRO C 116 -0.13 -1.30 0.53
C PRO C 116 1.21 -1.34 -0.23
N ALA C 117 2.19 -0.59 0.25
CA ALA C 117 3.53 -0.67 -0.33
C ALA C 117 4.18 -2.00 -0.01
N GLU C 118 4.15 -2.43 1.25
CA GLU C 118 4.71 -3.73 1.66
C GLU C 118 4.29 -4.89 0.73
N PHE C 119 2.99 -4.97 0.43
CA PHE C 119 2.43 -6.10 -0.26
C PHE C 119 2.69 -6.02 -1.79
N ALA C 120 3.01 -4.81 -2.26
CA ALA C 120 3.31 -4.57 -3.67
C ALA C 120 4.47 -5.41 -4.21
N ARG C 121 5.50 -5.61 -3.40
CA ARG C 121 6.69 -6.40 -3.77
C ARG C 121 6.56 -7.93 -3.66
N TYR C 122 5.48 -8.43 -3.04
CA TYR C 122 5.34 -9.89 -2.79
C TYR C 122 5.23 -10.74 -4.07
N SER C 123 6.06 -11.76 -4.16
CA SER C 123 5.89 -12.76 -5.23
C SER C 123 4.52 -13.46 -5.10
N GLU C 124 4.10 -14.11 -6.17
CA GLU C 124 2.92 -14.92 -6.20
C GLU C 124 2.93 -16.00 -5.10
N GLN C 125 4.07 -16.66 -4.89
CA GLN C 125 4.17 -17.66 -3.83
C GLN C 125 4.19 -17.04 -2.45
N GLN C 126 4.81 -15.86 -2.32
N GLN C 126 4.79 -15.86 -2.33
CA GLN C 126 4.79 -15.14 -1.05
CA GLN C 126 4.78 -15.17 -1.04
C GLN C 126 3.37 -14.80 -0.66
C GLN C 126 3.35 -14.80 -0.65
N VAL C 127 2.58 -14.25 -1.59
CA VAL C 127 1.14 -14.01 -1.31
C VAL C 127 0.40 -15.31 -0.89
N SER C 128 0.63 -16.39 -1.67
CA SER C 128 -0.04 -17.65 -1.44
C SER C 128 0.29 -18.28 -0.06
N ASP C 129 1.56 -18.23 0.31
CA ASP C 129 2.07 -18.75 1.59
C ASP C 129 1.50 -17.93 2.74
N TYR C 130 1.48 -16.61 2.54
CA TYR C 130 0.99 -15.63 3.54
C TYR C 130 -0.48 -15.95 3.86
N LEU C 131 -1.31 -16.02 2.83
CA LEU C 131 -2.74 -16.33 3.01
C LEU C 131 -2.98 -17.70 3.65
N ALA C 132 -2.28 -18.73 3.17
CA ALA C 132 -2.39 -20.08 3.74
C ALA C 132 -2.04 -20.08 5.22
N LEU C 133 -0.96 -19.38 5.56
CA LEU C 133 -0.51 -19.40 6.96
C LEU C 133 -1.54 -18.76 7.86
N ASN C 134 -2.00 -17.57 7.49
CA ASN C 134 -2.99 -16.83 8.27
C ASN C 134 -4.31 -17.59 8.35
N ALA C 135 -4.61 -18.40 7.34
CA ALA C 135 -5.82 -19.23 7.36
C ALA C 135 -5.71 -20.33 8.40
N GLY C 136 -4.55 -21.00 8.50
CA GLY C 136 -4.28 -21.97 9.57
C GLY C 136 -4.36 -21.36 10.98
N LEU C 137 -3.76 -20.19 11.20
CA LEU C 137 -3.95 -19.55 12.51
C LEU C 137 -5.42 -19.46 12.89
N VAL C 138 -6.22 -18.84 12.02
CA VAL C 138 -7.60 -18.61 12.36
C VAL C 138 -8.39 -19.92 12.40
N ALA C 139 -8.09 -20.90 11.52
CA ALA C 139 -8.89 -22.11 11.46
C ALA C 139 -8.72 -22.89 12.75
N MSE C 140 -7.49 -22.92 13.28
CA MSE C 140 -7.19 -23.56 14.56
C MSE C 140 -7.96 -22.93 15.72
O MSE C 140 -8.49 -23.65 16.58
CB MSE C 140 -5.69 -23.42 14.89
CG MSE C 140 -5.31 -24.04 16.25
SE MSE C 140 -5.08 -25.99 16.10
CE MSE C 140 -6.71 -26.62 16.68
N ASN C 141 -8.04 -21.61 15.72
CA ASN C 141 -8.74 -20.90 16.79
C ASN C 141 -10.25 -21.14 16.73
N LEU C 142 -10.75 -21.26 15.51
CA LEU C 142 -12.19 -21.53 15.30
C LEU C 142 -12.58 -22.93 15.79
N VAL C 143 -11.83 -23.96 15.41
CA VAL C 143 -12.22 -25.31 15.85
C VAL C 143 -12.15 -25.42 17.38
N LEU C 144 -11.21 -24.70 18.01
CA LEU C 144 -11.07 -24.70 19.48
C LEU C 144 -12.23 -23.97 20.13
N ALA C 145 -12.62 -22.84 19.54
CA ALA C 145 -13.82 -22.12 19.96
C ALA C 145 -15.06 -23.01 19.84
N LEU C 146 -15.24 -23.68 18.72
CA LEU C 146 -16.39 -24.59 18.59
C LEU C 146 -16.33 -25.68 19.66
N THR C 147 -15.15 -26.26 19.87
CA THR C 147 -14.94 -27.30 20.86
C THR C 147 -15.35 -26.87 22.27
N ASP C 148 -14.91 -25.67 22.66
CA ASP C 148 -15.24 -25.06 23.96
C ASP C 148 -16.74 -24.94 24.16
N GLN C 149 -17.47 -24.77 23.06
CA GLN C 149 -18.93 -24.78 23.11
C GLN C 149 -19.60 -26.17 22.98
N GLY C 150 -18.85 -27.25 23.00
CA GLY C 150 -19.45 -28.59 22.85
C GLY C 150 -19.81 -28.97 21.42
N ILE C 151 -19.28 -28.24 20.44
CA ILE C 151 -19.59 -28.50 19.03
C ILE C 151 -18.36 -29.13 18.33
N GLY C 152 -18.60 -30.23 17.63
CA GLY C 152 -17.59 -30.91 16.80
C GLY C 152 -17.37 -30.22 15.44
N SER C 153 -16.32 -30.66 14.75
CA SER C 153 -15.88 -30.03 13.53
C SER C 153 -14.85 -30.92 12.87
N ASN C 154 -14.59 -30.64 11.60
CA ASN C 154 -13.49 -31.24 10.89
C ASN C 154 -12.98 -30.24 9.86
N ILE C 155 -11.67 -30.12 9.77
CA ILE C 155 -11.07 -29.30 8.76
C ILE C 155 -10.84 -30.16 7.51
N ILE C 156 -11.36 -29.69 6.37
CA ILE C 156 -11.30 -30.43 5.10
C ILE C 156 -10.54 -29.60 4.05
N LEU C 157 -9.49 -30.21 3.51
CA LEU C 157 -8.69 -29.66 2.45
C LEU C 157 -9.04 -30.31 1.12
N GLY C 158 -9.61 -31.52 1.14
CA GLY C 158 -9.91 -32.28 -0.10
C GLY C 158 -11.19 -31.86 -0.77
N PHE C 159 -11.12 -30.78 -1.55
CA PHE C 159 -12.29 -30.25 -2.23
C PHE C 159 -11.88 -29.47 -3.47
N ASP C 160 -12.81 -29.31 -4.39
CA ASP C 160 -12.55 -28.66 -5.68
C ASP C 160 -12.52 -27.14 -5.50
N LYS C 161 -11.33 -26.60 -5.23
CA LYS C 161 -11.19 -25.15 -4.99
C LYS C 161 -11.60 -24.26 -6.17
N SER C 162 -11.46 -24.78 -7.39
CA SER C 162 -11.76 -23.99 -8.59
C SER C 162 -13.25 -23.73 -8.81
N LYS C 163 -14.12 -24.35 -8.02
CA LYS C 163 -15.56 -24.20 -8.26
C LYS C 163 -16.28 -23.60 -7.06
N VAL C 164 -15.58 -23.46 -5.94
CA VAL C 164 -16.24 -23.00 -4.71
C VAL C 164 -16.79 -21.58 -4.84
N ASN C 165 -16.05 -20.67 -5.47
CA ASN C 165 -16.51 -19.27 -5.57
C ASN C 165 -17.81 -19.17 -6.32
N GLU C 166 -17.92 -19.92 -7.41
CA GLU C 166 -19.15 -19.97 -8.22
C GLU C 166 -20.28 -20.65 -7.44
N VAL C 167 -20.02 -21.79 -6.82
CA VAL C 167 -21.10 -22.49 -6.12
C VAL C 167 -21.62 -21.67 -4.96
N LEU C 168 -20.71 -20.98 -4.23
CA LEU C 168 -21.14 -20.18 -3.06
C LEU C 168 -21.33 -18.70 -3.34
N GLU C 169 -21.22 -18.32 -4.60
CA GLU C 169 -21.46 -16.92 -5.00
C GLU C 169 -20.56 -15.96 -4.24
N ILE C 170 -19.26 -16.17 -4.32
CA ILE C 170 -18.34 -15.34 -3.56
C ILE C 170 -17.37 -14.71 -4.56
N GLU C 171 -17.10 -13.40 -4.43
CA GLU C 171 -16.26 -12.69 -5.40
C GLU C 171 -14.87 -13.33 -5.54
N ASP C 172 -14.40 -13.44 -6.78
CA ASP C 172 -13.13 -14.10 -7.07
C ASP C 172 -11.87 -13.56 -6.38
N ARG C 173 -11.92 -12.30 -5.93
CA ARG C 173 -10.88 -11.74 -5.06
C ARG C 173 -10.56 -12.62 -3.82
N PHE C 174 -11.58 -13.32 -3.34
CA PHE C 174 -11.45 -14.22 -2.19
C PHE C 174 -11.20 -15.65 -2.66
N ARG C 175 -10.15 -16.27 -2.13
CA ARG C 175 -9.89 -17.67 -2.53
C ARG C 175 -10.22 -18.65 -1.42
N PRO C 176 -10.78 -19.83 -1.78
CA PRO C 176 -11.20 -20.81 -0.77
C PRO C 176 -9.96 -21.50 -0.17
N GLU C 177 -9.88 -21.62 1.15
CA GLU C 177 -8.72 -22.30 1.74
C GLU C 177 -9.12 -23.65 2.29
N LEU C 178 -10.24 -23.66 2.99
CA LEU C 178 -10.64 -24.83 3.78
C LEU C 178 -12.13 -24.86 3.89
N LEU C 179 -12.68 -26.07 4.08
CA LEU C 179 -14.04 -26.22 4.56
C LEU C 179 -13.98 -26.77 5.99
N ILE C 180 -14.81 -26.24 6.87
CA ILE C 180 -14.89 -26.73 8.26
C ILE C 180 -16.31 -27.11 8.51
N THR C 181 -16.52 -28.42 8.55
CA THR C 181 -17.81 -28.98 8.93
C THR C 181 -18.05 -28.72 10.40
N VAL C 182 -19.30 -28.44 10.73
CA VAL C 182 -19.69 -28.05 12.09
C VAL C 182 -20.97 -28.78 12.47
N GLY C 183 -20.96 -29.38 13.65
CA GLY C 183 -22.11 -30.11 14.11
C GLY C 183 -21.75 -30.96 15.31
N TYR C 184 -22.78 -31.48 15.96
CA TYR C 184 -22.59 -32.28 17.13
C TYR C 184 -22.31 -33.72 16.72
N THR C 185 -21.48 -34.43 17.47
CA THR C 185 -20.95 -35.71 17.00
C THR C 185 -21.63 -36.95 17.57
N ASP C 186 -21.97 -37.87 16.66
CA ASP C 186 -22.70 -39.07 16.99
C ASP C 186 -21.86 -40.15 17.69
N GLU C 187 -20.54 -40.12 17.49
CA GLU C 187 -19.67 -41.22 17.96
C GLU C 187 -18.47 -40.82 18.82
N LYS C 188 -18.04 -41.74 19.68
CA LYS C 188 -16.95 -41.47 20.60
C LYS C 188 -15.62 -41.60 19.86
N LEU C 189 -14.79 -40.55 19.95
CA LEU C 189 -13.52 -40.53 19.24
C LEU C 189 -12.32 -40.56 20.17
N GLU C 190 -11.30 -41.32 19.76
N GLU C 190 -11.29 -41.30 19.73
CA GLU C 190 -10.06 -41.39 20.54
CA GLU C 190 -10.04 -41.39 20.46
C GLU C 190 -8.96 -40.61 19.80
C GLU C 190 -8.97 -40.54 19.77
N PRO C 191 -7.99 -40.03 20.54
CA PRO C 191 -6.98 -39.15 19.91
C PRO C 191 -6.22 -39.87 18.81
N SER C 192 -5.97 -39.17 17.69
CA SER C 192 -5.16 -39.71 16.60
C SER C 192 -3.71 -39.63 17.00
N TYR C 193 -2.83 -40.26 16.23
CA TYR C 193 -1.45 -40.41 16.63
C TYR C 193 -0.70 -39.10 16.57
N ARG C 194 0.18 -38.85 17.55
CA ARG C 194 1.12 -37.72 17.49
C ARG C 194 2.53 -38.25 17.73
N LEU C 195 3.49 -37.83 16.91
CA LEU C 195 4.88 -38.18 17.12
C LEU C 195 5.29 -37.78 18.53
N PRO C 196 6.27 -38.49 19.12
CA PRO C 196 6.68 -38.08 20.46
C PRO C 196 7.31 -36.67 20.42
N VAL C 197 7.04 -35.86 21.43
CA VAL C 197 7.47 -34.43 21.43
C VAL C 197 8.98 -34.24 21.19
N ASP C 198 9.80 -35.10 21.80
CA ASP C 198 11.25 -35.01 21.64
C ASP C 198 11.72 -35.31 20.22
N GLU C 199 10.87 -35.98 19.43
CA GLU C 199 11.19 -36.29 18.03
C GLU C 199 11.11 -35.04 17.14
N ILE C 200 10.26 -34.09 17.53
CA ILE C 200 10.04 -32.89 16.71
C ILE C 200 10.71 -31.59 17.24
N ILE C 201 11.49 -31.72 18.32
CA ILE C 201 12.18 -30.57 18.93
C ILE C 201 13.69 -30.62 18.67
N GLU C 202 14.26 -29.49 18.28
CA GLU C 202 15.73 -29.31 18.27
C GLU C 202 16.09 -28.16 19.20
N LYS C 203 17.21 -28.31 19.90
CA LYS C 203 17.72 -27.23 20.74
C LYS C 203 18.90 -26.54 20.07
N ARG C 204 18.87 -25.21 20.11
CA ARG C 204 19.86 -24.37 19.46
C ARG C 204 20.12 -23.11 20.30
N MSE D 4 -16.02 -18.78 26.17
CA MSE D 4 -16.24 -18.55 27.64
C MSE D 4 -14.88 -18.50 28.37
O MSE D 4 -14.32 -17.43 28.60
CB MSE D 4 -17.22 -19.59 28.25
CG MSE D 4 -16.85 -21.10 28.09
SE MSE D 4 -18.36 -22.28 27.59
CE MSE D 4 -17.66 -23.99 28.26
N LYS D 5 -14.37 -19.68 28.72
CA LYS D 5 -13.03 -19.90 29.27
C LYS D 5 -11.98 -19.72 28.18
N PHE D 6 -12.31 -20.19 26.98
CA PHE D 6 -11.46 -20.00 25.80
C PHE D 6 -11.42 -18.54 25.34
N LEU D 7 -12.56 -17.84 25.45
CA LEU D 7 -12.60 -16.40 25.24
C LEU D 7 -11.62 -15.70 26.17
N GLU D 8 -11.66 -16.08 27.46
CA GLU D 8 -10.78 -15.52 28.49
C GLU D 8 -9.30 -15.73 28.12
N LEU D 9 -8.95 -16.94 27.71
CA LEU D 9 -7.60 -17.24 27.24
C LEU D 9 -7.22 -16.36 26.02
N ASN D 10 -8.11 -16.31 25.02
CA ASN D 10 -7.86 -15.43 23.85
C ASN D 10 -7.62 -13.99 24.22
N LYS D 11 -8.32 -13.52 25.25
CA LYS D 11 -8.17 -12.12 25.68
C LYS D 11 -6.87 -11.85 26.46
N LYS D 12 -6.24 -12.92 26.95
CA LYS D 12 -4.96 -12.83 27.65
C LYS D 12 -3.82 -12.86 26.65
N ARG D 13 -4.07 -13.35 25.43
CA ARG D 13 -3.00 -13.42 24.43
C ARG D 13 -2.78 -12.07 23.73
N HIS D 14 -1.52 -11.60 23.71
CA HIS D 14 -1.14 -10.37 23.04
C HIS D 14 0.15 -10.56 22.26
N ALA D 15 0.40 -9.69 21.30
CA ALA D 15 1.68 -9.65 20.61
C ALA D 15 2.65 -9.00 21.58
N THR D 16 3.51 -9.81 22.17
CA THR D 16 4.40 -9.30 23.19
C THR D 16 5.70 -8.87 22.55
N LYS D 17 6.09 -7.62 22.80
CA LYS D 17 7.28 -7.07 22.19
C LYS D 17 8.41 -6.73 23.18
N HIS D 18 8.07 -6.60 24.46
CA HIS D 18 9.02 -6.24 25.51
C HIS D 18 8.88 -7.21 26.67
N PHE D 19 9.99 -7.85 27.03
CA PHE D 19 10.01 -8.93 28.02
C PHE D 19 10.76 -8.58 29.30
N THR D 20 10.32 -9.18 30.41
CA THR D 20 11.04 -9.08 31.67
C THR D 20 12.24 -10.02 31.67
N ASP D 21 13.00 -9.99 32.76
CA ASP D 21 14.20 -10.79 32.90
C ASP D 21 13.91 -12.13 33.57
N LYS D 22 12.63 -12.40 33.86
CA LYS D 22 12.23 -13.71 34.39
C LYS D 22 12.71 -14.82 33.44
N LEU D 23 13.29 -15.87 34.00
CA LEU D 23 13.74 -17.01 33.20
C LEU D 23 12.54 -17.81 32.68
N VAL D 24 12.69 -18.36 31.47
CA VAL D 24 11.69 -19.25 30.89
C VAL D 24 12.18 -20.69 31.04
N ASP D 25 11.48 -21.44 31.88
CA ASP D 25 11.82 -22.81 32.25
C ASP D 25 11.67 -23.73 31.03
N PRO D 26 12.78 -24.40 30.61
CA PRO D 26 12.79 -25.37 29.48
C PRO D 26 11.65 -26.40 29.53
N LYS D 27 11.18 -26.69 30.74
CA LYS D 27 10.13 -27.67 30.96
C LYS D 27 8.77 -27.13 30.50
N ASP D 28 8.58 -25.82 30.73
CA ASP D 28 7.37 -25.13 30.31
C ASP D 28 7.30 -24.98 28.79
N VAL D 29 8.44 -24.73 28.17
CA VAL D 29 8.54 -24.64 26.73
C VAL D 29 8.18 -26.00 26.10
N ARG D 30 8.75 -27.07 26.64
CA ARG D 30 8.53 -28.42 26.13
C ARG D 30 7.05 -28.82 26.21
N THR D 31 6.39 -28.52 27.34
CA THR D 31 5.01 -28.95 27.45
C THR D 31 4.06 -28.14 26.60
N ALA D 32 4.40 -26.86 26.37
CA ALA D 32 3.60 -26.00 25.46
C ALA D 32 3.67 -26.52 24.04
N ILE D 33 4.84 -27.02 23.67
CA ILE D 33 5.04 -27.64 22.36
C ILE D 33 4.32 -28.98 22.27
N GLU D 34 4.34 -29.74 23.37
CA GLU D 34 3.59 -31.00 23.43
C GLU D 34 2.08 -30.81 23.33
N ILE D 35 1.53 -29.79 24.01
CA ILE D 35 0.12 -29.41 23.81
C ILE D 35 -0.14 -28.89 22.37
N ALA D 36 0.72 -28.00 21.88
CA ALA D 36 0.57 -27.45 20.55
C ALA D 36 0.49 -28.53 19.45
N THR D 37 1.31 -29.57 19.56
CA THR D 37 1.30 -30.63 18.55
C THR D 37 0.08 -31.54 18.62
N LEU D 38 -0.81 -31.32 19.57
CA LEU D 38 -2.09 -32.00 19.57
C LEU D 38 -2.99 -31.48 18.43
N ALA D 39 -2.55 -30.37 17.83
CA ALA D 39 -3.19 -29.73 16.70
C ALA D 39 -3.48 -30.74 15.62
N PRO D 40 -4.60 -30.54 14.88
CA PRO D 40 -4.76 -31.38 13.70
C PRO D 40 -3.84 -30.88 12.57
N SER D 41 -3.57 -31.76 11.60
CA SER D 41 -2.82 -31.40 10.42
C SER D 41 -3.49 -32.15 9.28
N ALA D 42 -3.32 -31.69 8.04
CA ALA D 42 -3.84 -32.43 6.89
C ALA D 42 -3.23 -33.82 6.88
N HIS D 43 -4.09 -34.83 6.76
CA HIS D 43 -3.65 -36.24 6.62
C HIS D 43 -2.98 -36.73 7.91
N ASN D 44 -3.14 -35.95 8.99
CA ASN D 44 -2.34 -36.10 10.20
C ASN D 44 -0.83 -36.18 9.91
N SER D 45 -0.38 -35.38 8.93
CA SER D 45 0.99 -35.42 8.45
C SER D 45 1.93 -34.73 9.40
N GLN D 46 1.37 -33.93 10.31
CA GLN D 46 2.16 -33.22 11.32
C GLN D 46 3.57 -32.85 10.85
N PRO D 47 3.68 -32.06 9.75
CA PRO D 47 4.96 -31.81 9.07
C PRO D 47 5.80 -30.67 9.68
N TRP D 48 5.88 -30.64 11.01
CA TRP D 48 6.51 -29.54 11.72
C TRP D 48 7.75 -29.92 12.54
N LYS D 49 8.65 -28.95 12.73
CA LYS D 49 9.85 -29.02 13.55
C LYS D 49 10.01 -27.74 14.34
N PHE D 50 10.14 -27.87 15.65
CA PHE D 50 10.26 -26.73 16.53
C PHE D 50 11.70 -26.58 16.95
N VAL D 51 12.33 -25.49 16.56
CA VAL D 51 13.72 -25.23 16.93
C VAL D 51 13.78 -24.22 18.08
N VAL D 52 14.12 -24.71 19.26
CA VAL D 52 14.13 -23.90 20.48
C VAL D 52 15.49 -23.19 20.67
N VAL D 53 15.53 -21.88 20.45
CA VAL D 53 16.77 -21.14 20.39
C VAL D 53 17.07 -20.41 21.71
N ARG D 54 18.21 -20.78 22.31
CA ARG D 54 18.66 -20.28 23.62
C ARG D 54 20.14 -19.87 23.57
N GLU D 55 20.89 -20.40 22.60
CA GLU D 55 22.29 -20.03 22.41
C GLU D 55 22.54 -19.12 21.21
N LYS D 56 21.81 -19.34 20.12
CA LYS D 56 22.07 -18.61 18.86
C LYS D 56 21.16 -17.41 18.68
N ASN D 57 20.53 -16.98 19.77
CA ASN D 57 19.57 -15.87 19.76
C ASN D 57 20.11 -14.65 19.04
N ALA D 58 21.33 -14.23 19.40
CA ALA D 58 21.92 -12.99 18.82
C ALA D 58 22.22 -13.11 17.33
N GLU D 59 22.66 -14.29 16.90
CA GLU D 59 22.85 -14.55 15.47
C GLU D 59 21.51 -14.50 14.73
N LEU D 60 20.49 -15.14 15.31
CA LEU D 60 19.16 -15.21 14.68
C LEU D 60 18.54 -13.84 14.45
N ALA D 61 18.65 -12.98 15.45
CA ALA D 61 18.10 -11.63 15.41
C ALA D 61 18.58 -10.80 14.20
N LYS D 62 19.81 -11.04 13.75
CA LYS D 62 20.34 -10.38 12.54
C LYS D 62 19.47 -10.62 11.30
N LEU D 63 18.67 -11.69 11.31
CA LEU D 63 17.86 -12.05 10.13
C LEU D 63 16.46 -11.45 10.21
N ALA D 64 16.11 -10.96 11.39
CA ALA D 64 14.80 -10.37 11.68
C ALA D 64 14.81 -8.91 11.26
N TYR D 65 13.77 -8.49 10.53
CA TYR D 65 13.69 -7.16 9.93
C TYR D 65 13.12 -6.08 10.85
N GLY D 66 13.62 -4.86 10.71
CA GLY D 66 13.13 -3.72 11.50
C GLY D 66 13.15 -3.93 13.00
N SER D 67 12.01 -3.68 13.64
CA SER D 67 11.83 -3.82 15.10
C SER D 67 11.89 -5.27 15.62
N ASN D 68 11.83 -6.24 14.70
CA ASN D 68 11.96 -7.66 15.04
C ASN D 68 13.33 -7.97 15.57
N PHE D 69 14.33 -7.25 15.04
CA PHE D 69 15.70 -7.45 15.46
C PHE D 69 15.80 -7.49 17.00
N GLU D 70 15.30 -6.45 17.64
CA GLU D 70 15.38 -6.31 19.08
C GLU D 70 14.41 -7.23 19.81
N GLN D 71 13.31 -7.59 19.14
CA GLN D 71 12.40 -8.60 19.69
C GLN D 71 13.14 -9.88 19.86
N VAL D 72 13.78 -10.37 18.81
CA VAL D 72 14.50 -11.65 18.85
C VAL D 72 15.76 -11.57 19.74
N SER D 73 16.54 -10.49 19.61
CA SER D 73 17.72 -10.35 20.46
C SER D 73 17.34 -10.23 21.94
N SER D 74 16.22 -9.59 22.25
CA SER D 74 15.79 -9.44 23.66
C SER D 74 14.99 -10.62 24.24
N ALA D 75 14.18 -11.31 23.44
CA ALA D 75 13.39 -12.43 23.98
C ALA D 75 14.34 -13.45 24.60
N PRO D 76 13.97 -14.02 25.77
CA PRO D 76 14.79 -15.06 26.41
C PRO D 76 14.82 -16.36 25.60
N VAL D 77 13.78 -16.63 24.83
CA VAL D 77 13.80 -17.75 23.89
C VAL D 77 13.07 -17.37 22.59
N THR D 78 13.46 -18.04 21.51
CA THR D 78 12.75 -17.91 20.24
C THR D 78 12.56 -19.29 19.67
N ILE D 79 11.34 -19.60 19.28
CA ILE D 79 11.05 -20.87 18.66
C ILE D 79 10.96 -20.66 17.18
N ALA D 80 11.90 -21.26 16.47
CA ALA D 80 11.89 -21.23 15.02
C ALA D 80 11.07 -22.43 14.59
N LEU D 81 9.99 -22.15 13.85
CA LEU D 81 9.09 -23.16 13.36
C LEU D 81 9.41 -23.49 11.92
N PHE D 82 9.80 -24.74 11.69
CA PHE D 82 10.15 -25.26 10.35
C PHE D 82 9.09 -26.29 9.91
N THR D 83 8.95 -26.46 8.60
CA THR D 83 8.09 -27.49 8.08
C THR D 83 8.89 -28.38 7.13
N ASP D 84 8.46 -29.63 7.09
CA ASP D 84 9.15 -30.67 6.36
C ASP D 84 8.78 -30.61 4.90
N THR D 85 9.71 -30.19 4.03
CA THR D 85 9.41 -30.10 2.60
C THR D 85 9.40 -31.46 1.89
N ASP D 86 9.89 -32.50 2.55
CA ASP D 86 9.85 -33.84 1.95
C ASP D 86 8.67 -34.59 2.57
N LEU D 87 7.49 -34.35 2.02
CA LEU D 87 6.29 -34.88 2.64
C LEU D 87 6.21 -36.41 2.59
N ALA D 88 6.76 -37.01 1.51
CA ALA D 88 6.93 -38.46 1.38
C ALA D 88 7.75 -39.03 2.55
N LYS D 89 8.87 -38.38 2.84
CA LYS D 89 9.67 -38.72 4.01
C LYS D 89 8.97 -38.52 5.35
N ARG D 90 8.15 -37.46 5.45
CA ARG D 90 7.38 -37.20 6.66
C ARG D 90 6.36 -38.33 6.88
N ALA D 91 5.61 -38.67 5.86
CA ALA D 91 4.65 -39.76 5.92
C ALA D 91 5.31 -41.08 6.37
N ARG D 92 6.48 -41.41 5.83
CA ARG D 92 7.21 -42.64 6.20
C ARG D 92 7.76 -42.61 7.63
N LYS D 93 8.20 -41.45 8.09
CA LYS D 93 8.65 -41.28 9.47
C LYS D 93 7.52 -41.52 10.48
N ILE D 94 6.34 -40.99 10.19
CA ILE D 94 5.17 -41.23 11.04
C ILE D 94 4.85 -42.75 11.11
N ALA D 95 4.89 -43.44 9.97
CA ALA D 95 4.67 -44.89 9.95
C ALA D 95 5.76 -45.63 10.73
N ARG D 96 7.03 -45.27 10.47
N ARG D 96 7.01 -45.24 10.51
CA ARG D 96 8.18 -45.84 11.18
CA ARG D 96 8.17 -45.86 11.16
C ARG D 96 8.01 -45.68 12.68
C ARG D 96 8.17 -45.67 12.68
N VAL D 97 8.01 -44.42 13.13
CA VAL D 97 7.98 -44.09 14.55
C VAL D 97 6.72 -44.63 15.24
N GLY D 98 5.56 -44.42 14.65
CA GLY D 98 4.29 -44.94 15.19
C GLY D 98 4.24 -46.47 15.26
N GLY D 99 4.53 -47.12 14.12
CA GLY D 99 4.59 -48.57 14.05
C GLY D 99 3.24 -49.24 14.29
N ALA D 100 3.25 -50.57 14.30
CA ALA D 100 2.05 -51.34 14.56
C ALA D 100 1.47 -51.13 15.96
N ASN D 101 2.22 -50.53 16.89
CA ASN D 101 1.68 -50.18 18.21
C ASN D 101 0.65 -49.05 18.17
N ASN D 102 0.65 -48.30 17.07
CA ASN D 102 -0.24 -47.14 16.90
C ASN D 102 -1.15 -47.25 15.68
N PHE D 103 -0.71 -48.01 14.67
CA PHE D 103 -1.42 -48.12 13.43
C PHE D 103 -1.85 -49.54 13.08
N SER D 104 -3.05 -49.64 12.49
CA SER D 104 -3.50 -50.86 11.86
C SER D 104 -2.67 -51.08 10.61
N GLU D 105 -2.74 -52.27 10.04
CA GLU D 105 -1.96 -52.58 8.83
C GLU D 105 -2.37 -51.72 7.61
N GLU D 106 -3.65 -51.39 7.50
CA GLU D 106 -4.14 -50.50 6.46
C GLU D 106 -3.53 -49.12 6.63
N GLN D 107 -3.66 -48.57 7.84
CA GLN D 107 -3.10 -47.26 8.20
C GLN D 107 -1.59 -47.16 7.91
N LEU D 108 -0.87 -48.23 8.22
CA LEU D 108 0.55 -48.31 7.89
C LEU D 108 0.80 -48.23 6.38
N GLN D 109 -0.10 -48.85 5.61
CA GLN D 109 0.00 -48.84 4.15
C GLN D 109 -0.23 -47.43 3.64
N TYR D 110 -1.24 -46.77 4.20
CA TYR D 110 -1.58 -45.38 3.93
C TYR D 110 -0.35 -44.47 4.02
N PHE D 111 0.33 -44.48 5.16
CA PHE D 111 1.51 -43.63 5.38
C PHE D 111 2.77 -44.03 4.62
N MSE D 112 3.00 -45.33 4.49
N MSE D 112 2.99 -45.34 4.48
CA MSE D 112 4.20 -45.83 3.81
CA MSE D 112 4.19 -45.88 3.82
C MSE D 112 4.14 -45.72 2.28
C MSE D 112 4.15 -45.80 2.30
O MSE D 112 5.17 -45.47 1.64
O MSE D 112 5.20 -45.67 1.66
CB MSE D 112 4.43 -47.29 4.16
CB MSE D 112 4.40 -47.35 4.22
CG MSE D 112 5.44 -47.52 5.26
CG MSE D 112 5.07 -47.55 5.57
SE MSE D 112 5.05 -49.16 6.22
SE MSE D 112 6.85 -46.77 5.69
CE MSE D 112 4.19 -50.27 4.83
CE MSE D 112 7.75 -47.60 4.14
N LYS D 113 2.95 -45.91 1.72
CA LYS D 113 2.78 -45.96 0.27
C LYS D 113 1.77 -45.02 -0.38
N ASN D 114 0.52 -45.02 0.10
CA ASN D 114 -0.54 -44.16 -0.45
C ASN D 114 -0.26 -42.64 -0.35
N LEU D 115 0.09 -42.18 0.85
CA LEU D 115 0.36 -40.77 1.06
C LEU D 115 1.56 -40.25 0.27
N PRO D 116 2.72 -40.95 0.36
CA PRO D 116 3.83 -40.48 -0.45
C PRO D 116 3.49 -40.41 -1.93
N ALA D 117 2.70 -41.38 -2.41
CA ALA D 117 2.21 -41.38 -3.80
C ALA D 117 1.39 -40.10 -4.13
N GLU D 118 0.52 -39.72 -3.20
CA GLU D 118 -0.33 -38.53 -3.35
C GLU D 118 0.49 -37.23 -3.28
N PHE D 119 1.34 -37.12 -2.27
CA PHE D 119 2.27 -36.00 -2.15
C PHE D 119 3.13 -35.74 -3.41
N ALA D 120 3.53 -36.81 -4.10
CA ALA D 120 4.33 -36.71 -5.33
C ALA D 120 3.61 -36.05 -6.51
N ARG D 121 2.28 -36.09 -6.48
N ARG D 121 2.29 -36.05 -6.46
CA ARG D 121 1.40 -35.44 -7.47
CA ARG D 121 1.44 -35.46 -7.51
C ARG D 121 1.39 -33.92 -7.36
C ARG D 121 0.94 -34.03 -7.17
N TYR D 122 1.50 -33.42 -6.12
CA TYR D 122 1.23 -32.00 -5.78
C TYR D 122 2.09 -31.04 -6.57
N SER D 123 1.48 -29.98 -7.12
CA SER D 123 2.26 -28.85 -7.67
C SER D 123 3.15 -28.23 -6.60
N GLU D 124 4.16 -27.47 -7.03
CA GLU D 124 5.04 -26.72 -6.11
C GLU D 124 4.25 -25.82 -5.15
N GLN D 125 3.20 -25.17 -5.67
CA GLN D 125 2.40 -24.22 -4.91
C GLN D 125 1.56 -24.99 -3.91
N GLN D 126 1.00 -26.12 -4.33
CA GLN D 126 0.22 -26.96 -3.45
C GLN D 126 1.05 -27.39 -2.23
N VAL D 127 2.25 -27.94 -2.45
CA VAL D 127 3.13 -28.29 -1.35
C VAL D 127 3.41 -27.07 -0.43
N SER D 128 3.71 -25.92 -1.04
CA SER D 128 4.07 -24.69 -0.33
C SER D 128 2.88 -24.20 0.51
N ASP D 129 1.67 -24.21 -0.05
CA ASP D 129 0.44 -23.79 0.63
C ASP D 129 0.11 -24.73 1.78
N TYR D 130 0.37 -26.03 1.55
CA TYR D 130 0.11 -27.11 2.52
C TYR D 130 1.00 -26.92 3.78
N LEU D 131 2.27 -26.60 3.59
CA LEU D 131 3.16 -26.47 4.73
C LEU D 131 2.79 -25.20 5.48
N ALA D 132 2.52 -24.11 4.74
CA ALA D 132 2.21 -22.81 5.38
C ALA D 132 0.94 -22.93 6.23
N LEU D 133 -0.05 -23.59 5.65
CA LEU D 133 -1.29 -23.80 6.39
C LEU D 133 -1.06 -24.63 7.64
N ASN D 134 -0.41 -25.79 7.51
CA ASN D 134 -0.13 -26.59 8.71
C ASN D 134 0.71 -25.86 9.73
N ALA D 135 1.67 -25.05 9.31
CA ALA D 135 2.42 -24.25 10.26
C ALA D 135 1.49 -23.26 11.02
N GLY D 136 0.55 -22.62 10.31
CA GLY D 136 -0.41 -21.72 10.95
C GLY D 136 -1.23 -22.39 12.05
N LEU D 137 -1.72 -23.59 11.76
N LEU D 137 -1.67 -23.61 11.82
CA LEU D 137 -2.56 -24.37 12.69
CA LEU D 137 -2.51 -24.28 12.81
C LEU D 137 -1.80 -24.67 14.01
C LEU D 137 -1.75 -24.58 14.08
N VAL D 138 -0.55 -25.14 13.92
CA VAL D 138 0.24 -25.47 15.09
C VAL D 138 0.79 -24.20 15.78
N ALA D 139 1.16 -23.16 15.01
CA ALA D 139 1.64 -21.94 15.67
C ALA D 139 0.57 -21.31 16.55
N MSE D 140 -0.68 -21.32 16.10
CA MSE D 140 -1.81 -20.84 16.89
C MSE D 140 -1.96 -21.61 18.20
O MSE D 140 -2.18 -21.01 19.27
CB MSE D 140 -3.12 -20.92 16.10
CG MSE D 140 -4.35 -20.43 16.86
SE MSE D 140 -4.46 -18.46 16.79
CE MSE D 140 -4.24 -17.92 18.64
N ASN D 141 -1.87 -22.94 18.12
CA ASN D 141 -2.02 -23.79 19.32
C ASN D 141 -0.85 -23.53 20.27
N LEU D 142 0.34 -23.30 19.70
CA LEU D 142 1.55 -22.97 20.49
C LEU D 142 1.41 -21.67 21.28
N VAL D 143 1.01 -20.56 20.63
CA VAL D 143 0.85 -19.28 21.37
C VAL D 143 -0.23 -19.36 22.45
N LEU D 144 -1.29 -20.12 22.16
CA LEU D 144 -2.33 -20.38 23.18
C LEU D 144 -1.82 -21.18 24.37
N ALA D 145 -1.11 -22.28 24.10
CA ALA D 145 -0.52 -23.08 25.16
C ALA D 145 0.39 -22.21 26.06
N LEU D 146 1.29 -21.44 25.46
CA LEU D 146 2.13 -20.49 26.22
C LEU D 146 1.33 -19.49 27.06
N THR D 147 0.30 -18.91 26.45
CA THR D 147 -0.60 -18.02 27.12
C THR D 147 -1.25 -18.72 28.31
N ASP D 148 -1.62 -19.99 28.16
CA ASP D 148 -2.27 -20.73 29.24
C ASP D 148 -1.36 -20.88 30.48
N GLN D 149 -0.05 -20.88 30.23
CA GLN D 149 0.95 -21.02 31.26
C GLN D 149 1.44 -19.69 31.80
N GLY D 150 0.86 -18.58 31.34
CA GLY D 150 1.29 -17.24 31.75
C GLY D 150 2.50 -16.68 31.04
N ILE D 151 2.88 -17.31 29.93
CA ILE D 151 4.02 -16.85 29.14
C ILE D 151 3.56 -16.08 27.89
N GLY D 152 4.22 -14.93 27.64
CA GLY D 152 4.06 -14.13 26.43
C GLY D 152 4.77 -14.65 25.18
N SER D 153 4.36 -14.14 24.03
CA SER D 153 4.86 -14.59 22.74
C SER D 153 4.58 -13.55 21.69
N ASN D 154 5.36 -13.59 20.63
CA ASN D 154 4.98 -12.89 19.43
C ASN D 154 5.28 -13.79 18.25
N ILE D 155 4.42 -13.76 17.25
CA ILE D 155 4.72 -14.46 16.03
C ILE D 155 5.35 -13.45 15.07
N ILE D 156 6.41 -13.89 14.40
CA ILE D 156 7.22 -13.04 13.55
C ILE D 156 7.40 -13.71 12.20
N LEU D 157 6.94 -13.02 11.16
CA LEU D 157 7.14 -13.44 9.78
C LEU D 157 8.21 -12.61 9.06
N GLY D 158 8.52 -11.43 9.60
CA GLY D 158 9.49 -10.54 8.94
C GLY D 158 10.92 -10.88 9.26
N PHE D 159 11.43 -11.94 8.64
CA PHE D 159 12.80 -12.35 8.80
C PHE D 159 13.34 -12.92 7.47
N ASP D 160 14.66 -13.06 7.39
CA ASP D 160 15.27 -13.60 6.19
C ASP D 160 15.25 -15.13 6.18
N LYS D 161 14.26 -15.72 5.52
CA LYS D 161 14.10 -17.18 5.53
C LYS D 161 15.28 -17.90 4.84
N SER D 162 15.88 -17.26 3.83
CA SER D 162 16.97 -17.90 3.06
C SER D 162 18.23 -18.20 3.89
N LYS D 163 18.30 -17.66 5.11
CA LYS D 163 19.53 -17.78 5.92
C LYS D 163 19.37 -18.51 7.27
N VAL D 164 18.14 -18.80 7.67
CA VAL D 164 17.85 -19.41 8.97
C VAL D 164 18.40 -20.84 9.11
N ASN D 165 18.43 -21.59 8.02
CA ASN D 165 18.92 -22.97 8.09
C ASN D 165 20.41 -22.98 8.42
N GLU D 166 21.16 -22.14 7.72
CA GLU D 166 22.60 -22.01 7.91
C GLU D 166 22.90 -21.52 9.32
N VAL D 167 22.26 -20.42 9.74
CA VAL D 167 22.43 -19.89 11.09
C VAL D 167 22.05 -20.83 12.25
N LEU D 168 20.93 -21.57 12.12
CA LEU D 168 20.53 -22.44 13.23
C LEU D 168 20.98 -23.87 13.04
N GLU D 169 21.63 -24.15 11.91
CA GLU D 169 22.20 -25.47 11.62
C GLU D 169 21.14 -26.56 11.55
N ILE D 170 20.20 -26.35 10.62
CA ILE D 170 19.03 -27.22 10.45
C ILE D 170 19.09 -27.63 9.00
N GLU D 171 18.86 -28.91 8.71
CA GLU D 171 18.93 -29.44 7.35
C GLU D 171 18.02 -28.65 6.42
N ASP D 172 18.49 -28.39 5.20
CA ASP D 172 17.67 -27.83 4.12
C ASP D 172 16.33 -28.53 3.87
N ARG D 173 16.19 -29.82 4.19
CA ARG D 173 14.90 -30.49 4.02
C ARG D 173 13.80 -29.64 4.72
N PHE D 174 14.16 -28.99 5.82
CA PHE D 174 13.20 -28.21 6.61
C PHE D 174 13.26 -26.73 6.31
N ARG D 175 12.11 -26.12 6.01
CA ARG D 175 12.05 -24.69 5.69
C ARG D 175 11.48 -23.86 6.82
N PRO D 176 12.07 -22.68 7.05
CA PRO D 176 11.57 -21.89 8.18
C PRO D 176 10.25 -21.23 7.83
N GLU D 177 9.28 -21.28 8.74
CA GLU D 177 8.02 -20.60 8.49
C GLU D 177 7.80 -19.36 9.34
N LEU D 178 8.15 -19.46 10.64
CA LEU D 178 7.87 -18.41 11.64
C LEU D 178 8.92 -18.38 12.72
N LEU D 179 9.20 -17.19 13.23
CA LEU D 179 9.87 -17.04 14.50
C LEU D 179 8.85 -16.69 15.58
N ILE D 180 8.90 -17.42 16.68
CA ILE D 180 7.98 -17.17 17.79
C ILE D 180 8.78 -16.80 19.04
N THR D 181 8.77 -15.52 19.38
CA THR D 181 9.50 -15.06 20.56
C THR D 181 8.72 -15.50 21.79
N VAL D 182 9.45 -15.83 22.86
CA VAL D 182 8.83 -16.36 24.06
C VAL D 182 9.46 -15.75 25.34
N GLY D 183 8.61 -15.23 26.21
CA GLY D 183 9.09 -14.62 27.45
C GLY D 183 7.96 -14.03 28.24
N TYR D 184 8.24 -13.69 29.49
CA TYR D 184 7.24 -12.98 30.29
C TYR D 184 7.20 -11.52 29.91
N THR D 185 6.02 -10.92 29.93
CA THR D 185 5.85 -9.58 29.39
C THR D 185 5.98 -8.48 30.45
N ASP D 186 6.60 -7.40 29.99
CA ASP D 186 7.04 -6.28 30.80
C ASP D 186 6.03 -5.12 30.71
N GLU D 187 4.87 -5.37 30.10
CA GLU D 187 4.04 -4.29 29.57
C GLU D 187 2.53 -4.60 29.53
N LYS D 188 1.71 -3.63 29.93
CA LYS D 188 0.26 -3.72 29.76
C LYS D 188 -0.09 -3.42 28.29
N LEU D 189 -0.70 -4.38 27.62
CA LEU D 189 -1.06 -4.21 26.21
C LEU D 189 -2.58 -4.26 26.06
N GLU D 190 -3.14 -3.25 25.40
CA GLU D 190 -4.54 -3.32 25.00
C GLU D 190 -4.69 -4.28 23.80
N PRO D 191 -5.88 -4.90 23.64
CA PRO D 191 -6.21 -5.69 22.45
C PRO D 191 -6.00 -4.87 21.20
N SER D 192 -5.41 -5.48 20.18
CA SER D 192 -5.29 -4.83 18.88
C SER D 192 -6.63 -4.89 18.16
N TYR D 193 -6.73 -4.19 17.03
CA TYR D 193 -8.02 -4.08 16.36
C TYR D 193 -8.43 -5.33 15.57
N ARG D 194 -9.71 -5.70 15.67
CA ARG D 194 -10.33 -6.74 14.84
C ARG D 194 -11.57 -6.11 14.23
N LEU D 195 -11.74 -6.38 12.94
CA LEU D 195 -12.93 -5.99 12.22
C LEU D 195 -14.16 -6.53 12.97
N PRO D 196 -15.31 -5.84 12.85
CA PRO D 196 -16.53 -6.45 13.38
C PRO D 196 -16.84 -7.78 12.65
N VAL D 197 -17.28 -8.77 13.42
CA VAL D 197 -17.55 -10.10 12.91
C VAL D 197 -18.57 -10.10 11.75
N ASP D 198 -19.56 -9.22 11.78
CA ASP D 198 -20.55 -9.19 10.70
C ASP D 198 -19.98 -8.70 9.37
N GLU D 199 -18.85 -7.99 9.42
CA GLU D 199 -18.07 -7.59 8.25
C GLU D 199 -17.24 -8.75 7.60
N ILE D 200 -16.96 -9.81 8.35
CA ILE D 200 -16.14 -10.91 7.80
C ILE D 200 -16.93 -12.24 7.66
N ILE D 201 -18.26 -12.17 7.84
CA ILE D 201 -19.14 -13.33 7.68
C ILE D 201 -20.03 -13.13 6.46
N GLU D 202 -20.16 -14.18 5.64
CA GLU D 202 -21.20 -14.25 4.60
C GLU D 202 -22.13 -15.44 4.87
N LYS D 203 -23.43 -15.27 4.61
CA LYS D 203 -24.37 -16.37 4.86
C LYS D 203 -24.84 -16.99 3.55
N ARG D 204 -24.74 -18.31 3.44
CA ARG D 204 -25.07 -19.03 2.23
C ARG D 204 -25.75 -20.37 2.57
N1 FMN E . 0.74 6.53 -12.96
C2 FMN E . 0.75 5.36 -12.21
O2 FMN E . 0.86 4.27 -12.78
N3 FMN E . 0.66 5.44 -10.83
C4 FMN E . 0.53 6.67 -10.20
O4 FMN E . 0.38 6.71 -8.98
C4A FMN E . 0.51 7.85 -10.96
N5 FMN E . 0.39 9.08 -10.35
C5A FMN E . 0.38 10.24 -11.09
C6 FMN E . 0.27 11.48 -10.46
C7 FMN E . 0.26 12.66 -11.22
C7M FMN E . 0.36 13.98 -10.53
C8 FMN E . 0.36 12.59 -12.62
C8M FMN E . 0.75 13.79 -13.41
C9 FMN E . 0.47 11.34 -13.23
C9A FMN E . 0.47 10.16 -12.49
N10 FMN E . 0.59 8.92 -13.12
C10 FMN E . 0.62 7.76 -12.34
C1' FMN E . 0.20 8.74 -14.57
C2' FMN E . -1.21 9.27 -14.89
O2' FMN E . -2.12 8.20 -14.88
C3' FMN E . -1.18 9.95 -16.25
O3' FMN E . -0.26 11.01 -16.18
C4' FMN E . -2.55 10.47 -16.71
O4' FMN E . -3.43 9.39 -16.92
C5' FMN E . -2.45 11.25 -18.01
O5' FMN E . -2.00 10.38 -19.04
P FMN E . -0.85 10.87 -20.04
O1P FMN E . -1.46 11.93 -20.90
O2P FMN E . -0.33 9.72 -20.91
O3P FMN E . 0.30 11.44 -19.25
C ACY F . 20.07 21.61 1.08
O ACY F . 20.12 20.37 1.12
OXT ACY F . 19.69 22.25 0.09
CH3 ACY F . 20.51 22.36 2.30
N1 FMN G . 4.52 37.67 -9.00
C2 FMN G . 3.98 38.74 -8.31
O2 FMN G . 4.29 39.88 -8.62
N3 FMN G . 3.07 38.52 -7.30
C4 FMN G . 2.70 37.24 -6.92
O4 FMN G . 1.72 37.08 -6.18
C4A FMN G . 3.26 36.17 -7.60
N5 FMN G . 2.92 34.87 -7.25
C5A FMN G . 3.47 33.80 -7.91
C6 FMN G . 3.08 32.51 -7.55
C7 FMN G . 3.62 31.40 -8.21
C7M FMN G . 3.06 30.03 -7.90
C8 FMN G . 4.53 31.59 -9.25
C8M FMN G . 4.85 30.47 -10.20
C9 FMN G . 4.91 32.88 -9.62
C9A FMN G . 4.38 34.00 -8.95
N10 FMN G . 4.74 35.30 -9.30
C10 FMN G . 4.17 36.37 -8.64
C1' FMN G . 5.90 35.55 -10.23
C2' FMN G . 7.20 35.03 -9.61
O2' FMN G . 7.74 36.00 -8.73
C3' FMN G . 8.19 34.70 -10.71
O3' FMN G . 7.65 33.67 -11.54
C4' FMN G . 9.54 34.32 -10.13
O4' FMN G . 10.15 35.47 -9.56
C5' FMN G . 10.47 33.63 -11.12
O5' FMN G . 10.87 34.53 -12.14
P FMN G . 10.50 34.18 -13.68
O1P FMN G . 11.33 33.04 -14.15
O2P FMN G . 10.79 35.41 -14.53
O3P FMN G . 9.04 33.86 -13.74
N1 FMN H . -10.39 -34.79 6.99
C2 FMN H . -11.03 -35.38 5.93
O2 FMN H . -11.86 -36.25 6.14
N3 FMN H . -10.73 -34.97 4.64
C4 FMN H . -9.79 -33.98 4.40
O4 FMN H . -9.62 -33.57 3.24
C4A FMN H . -9.14 -33.37 5.48
N5 FMN H . -8.19 -32.38 5.30
C5A FMN H . -7.56 -31.81 6.39
C6 FMN H . -6.63 -30.80 6.21
C7 FMN H . -6.00 -30.21 7.32
C7M FMN H . -5.29 -28.90 7.11
C8 FMN H . -6.31 -30.64 8.61
C8M FMN H . -6.00 -29.78 9.80
C9 FMN H . -7.25 -31.65 8.79
C9A FMN H . -7.88 -32.24 7.69
N10 FMN H . -8.82 -33.25 7.88
C10 FMN H . -9.45 -33.79 6.78
C1' FMN H . -8.80 -34.08 9.13
C2' FMN H . -7.41 -34.61 9.44
O2' FMN H . -7.17 -35.81 8.73
C3' FMN H . -7.26 -34.81 10.94
O3' FMN H . -7.42 -33.57 11.60
C4' FMN H . -5.90 -35.40 11.27
O4' FMN H . -5.96 -36.80 11.06
C5' FMN H . -5.49 -35.10 12.72
O5' FMN H . -6.39 -35.81 13.57
P FMN H . -7.22 -35.05 14.72
O1P FMN H . -6.25 -34.61 15.77
O2P FMN H . -8.26 -35.96 15.30
O3P FMN H . -7.94 -33.87 14.14
N1 FMN I . 5.03 -8.64 14.86
C2 FMN I . 6.18 -7.91 14.61
O2 FMN I . 6.52 -7.00 15.39
N3 FMN I . 6.95 -8.21 13.50
C4 FMN I . 6.58 -9.23 12.63
O4 FMN I . 7.31 -9.56 11.71
C4A FMN I . 5.42 -9.97 12.89
N5 FMN I . 5.03 -10.98 12.03
C5A FMN I . 3.87 -11.71 12.32
C6 FMN I . 3.48 -12.74 11.48
C7 FMN I . 2.32 -13.47 11.74
C7M FMN I . 2.10 -14.74 10.98
C8 FMN I . 1.54 -13.17 12.86
C8M FMN I . 0.57 -14.19 13.39
C9 FMN I . 1.94 -12.14 13.71
C9A FMN I . 3.10 -11.40 13.44
N10 FMN I . 3.50 -10.37 14.29
C10 FMN I . 4.66 -9.65 14.01
C1' FMN I . 2.55 -9.73 15.26
C2' FMN I . 1.33 -9.14 14.57
O2' FMN I . 1.61 -7.80 14.16
C3' FMN I . 0.20 -9.18 15.59
O3' FMN I . -0.02 -10.54 15.91
C4' FMN I . -1.07 -8.53 15.08
O4' FMN I . -0.84 -7.13 14.99
C5' FMN I . -2.27 -8.79 15.98
O5' FMN I . -2.04 -8.26 17.27
P FMN I . -2.20 -9.25 18.54
O1P FMN I . -3.63 -9.67 18.61
O2P FMN I . -1.80 -8.53 19.82
O3P FMN I . -1.33 -10.46 18.36
#